data_3RO5
#
_entry.id   3RO5
#
_cell.length_a   146.200
_cell.length_b   146.200
_cell.length_c   146.200
_cell.angle_alpha   90.000
_cell.angle_beta   90.000
_cell.angle_gamma   90.000
#
_symmetry.space_group_name_H-M   'P 21 3'
#
loop_
_entity.id
_entity.type
_entity.pdbx_description
1 polymer 'Nucleocapsid protein'
2 non-polymer [4-(2-chloro-4-nitrophenyl)piperazin-1-yl][3-(2-methoxyphenyl)-5-methyl-1,2-oxazol-4-yl]methanone
3 water water
#
_entity_poly.entity_id   1
_entity_poly.type   'polypeptide(L)'
_entity_poly.pdbx_seq_one_letter_code
;RSYEQMETDGERQNATEIRASVGKMIDGIGRFYIQMCTELKLSDYEGRLIQNSLTIERMVLSAFDERRNKYLEEHPSAGK
DPKKTGGPIYRRVDGKWRRELILYDKEEIRRIWRQANNGDDATAGLTHMMIWHSNLNDATYQRTRALVRTGMDPRMCSLM
QGSTLPRRSGAAGAAVKGVGTMVMELIRMIKRGINDRNFWRGENGRRTRIAYERMCNILKGKFQTAAQRTMVDQVRESRN
PGNAEFEDLIFLARSALILRGSVAHKSCLPACVYGSAVASGYDFEREGYSLVGIDPFRLLQNSQVYSLIRPNENPAHKSQ
LVWMACHSAAFEDLRVSSFIRGTKVVPRGKLSTRGVQIASNENMETMESSTLELRSRYWAIRTRSGGNTNQQRASSGQIS
IQPTFSVQRNLPFDRPTIMAAFTGNTEGRTSDMRTEIIRLMESARPEDVSFQGRGVFELSDEKATSPIVPSFDMSNEGSY
FFGDNAEEYDNLEHHHHHH
;
_entity_poly.pdbx_strand_id   A,B
#
loop_
_chem_comp.id
_chem_comp.type
_chem_comp.name
_chem_comp.formula
LGH non-polymer [4-(2-chloro-4-nitrophenyl)piperazin-1-yl][3-(2-methoxyphenyl)-5-methyl-1,2-oxazol-4-yl]methanone 'C22 H21 Cl N4 O5'
#
# COMPACT_ATOMS: atom_id res chain seq x y z
N ALA A 15 14.39 -27.78 -4.67
CA ALA A 15 13.51 -26.58 -4.84
C ALA A 15 12.31 -26.65 -3.91
N THR A 16 11.49 -27.70 -4.06
CA THR A 16 10.37 -27.97 -3.15
C THR A 16 10.87 -28.20 -1.71
N GLU A 17 12.00 -28.91 -1.59
CA GLU A 17 12.61 -29.21 -0.29
C GLU A 17 13.21 -27.95 0.36
N ILE A 18 13.85 -27.10 -0.44
CA ILE A 18 14.39 -25.84 0.06
C ILE A 18 13.24 -24.94 0.52
N ARG A 19 12.19 -24.87 -0.29
CA ARG A 19 11.01 -24.07 0.03
C ARG A 19 10.34 -24.54 1.30
N ALA A 20 10.37 -25.85 1.53
CA ALA A 20 9.81 -26.47 2.73
C ALA A 20 10.52 -26.02 4.01
N SER A 21 11.85 -26.16 4.05
CA SER A 21 12.62 -25.79 5.24
C SER A 21 12.66 -24.28 5.49
N VAL A 22 12.76 -23.51 4.40
CA VAL A 22 12.72 -22.05 4.49
C VAL A 22 11.36 -21.62 5.04
N GLY A 23 10.30 -22.17 4.47
CA GLY A 23 8.94 -21.92 4.92
C GLY A 23 8.73 -22.30 6.37
N LYS A 24 9.50 -23.28 6.85
CA LYS A 24 9.43 -23.73 8.24
C LYS A 24 10.02 -22.69 9.20
N MET A 25 11.19 -22.16 8.88
CA MET A 25 11.84 -21.21 9.79
C MET A 25 11.09 -19.87 9.87
N ILE A 26 10.54 -19.42 8.75
CA ILE A 26 9.76 -18.18 8.72
C ILE A 26 8.46 -18.36 9.51
N ASP A 27 7.86 -19.54 9.39
CA ASP A 27 6.67 -19.90 10.16
C ASP A 27 6.97 -19.87 11.65
N GLY A 28 8.19 -20.30 12.02
CA GLY A 28 8.65 -20.27 13.40
C GLY A 28 8.83 -18.86 13.91
N ILE A 29 9.55 -18.02 13.15
CA ILE A 29 9.73 -16.61 13.48
C ILE A 29 8.36 -15.94 13.64
N GLY A 30 7.44 -16.27 12.74
CA GLY A 30 6.06 -15.81 12.81
C GLY A 30 5.36 -16.12 14.13
N ARG A 31 5.31 -17.39 14.49
CA ARG A 31 4.67 -17.83 15.73
C ARG A 31 5.28 -17.16 16.96
N PHE A 32 6.61 -17.15 17.01
CA PHE A 32 7.35 -16.47 18.07
C PHE A 32 6.92 -15.02 18.25
N TYR A 33 6.79 -14.30 17.13
CA TYR A 33 6.46 -12.88 17.18
C TYR A 33 5.03 -12.63 17.68
N ILE A 34 4.08 -13.44 17.20
CA ILE A 34 2.69 -13.40 17.68
C ILE A 34 2.66 -13.65 19.19
N GLN A 35 3.35 -14.71 19.62
CA GLN A 35 3.46 -15.06 21.03
C GLN A 35 4.06 -13.91 21.83
N MET A 36 5.08 -13.27 21.26
CA MET A 36 5.78 -12.17 21.90
C MET A 36 4.91 -10.91 21.98
N CYS A 37 4.05 -10.73 20.98
CA CYS A 37 3.15 -9.58 20.91
C CYS A 37 2.01 -9.66 21.91
N THR A 38 1.58 -10.88 22.25
CA THR A 38 0.52 -11.07 23.23
C THR A 38 1.05 -10.88 24.66
N GLU A 39 2.24 -11.43 24.93
CA GLU A 39 2.92 -11.28 26.22
C GLU A 39 3.02 -9.83 26.65
N LEU A 40 3.27 -8.93 25.69
CA LEU A 40 3.44 -7.50 25.95
C LEU A 40 2.12 -6.72 25.81
N LYS A 41 1.05 -7.43 25.48
CA LYS A 41 -0.28 -6.83 25.30
C LYS A 41 -0.26 -5.66 24.30
N LEU A 42 0.47 -5.85 23.20
CA LEU A 42 0.52 -4.86 22.13
C LEU A 42 -0.65 -5.04 21.18
N SER A 43 -1.16 -3.93 20.66
CA SER A 43 -2.16 -3.99 19.60
C SER A 43 -1.51 -4.46 18.30
N ASP A 44 -2.34 -4.84 17.33
CA ASP A 44 -1.84 -5.26 16.03
C ASP A 44 -1.00 -4.17 15.36
N TYR A 45 -1.49 -2.93 15.39
CA TYR A 45 -0.77 -1.78 14.84
C TYR A 45 0.59 -1.64 15.51
N GLU A 46 0.61 -1.66 16.85
CA GLU A 46 1.81 -1.49 17.63
C GLU A 46 2.84 -2.58 17.36
N GLY A 47 2.37 -3.82 17.23
CA GLY A 47 3.22 -4.95 16.87
C GLY A 47 3.83 -4.79 15.49
N ARG A 48 3.18 -4.01 14.64
CA ARG A 48 3.64 -3.78 13.27
C ARG A 48 4.42 -2.47 13.13
N LEU A 49 4.82 -1.92 14.27
CA LEU A 49 5.76 -0.80 14.32
C LEU A 49 7.16 -1.40 14.29
N ILE A 50 7.96 -0.97 13.32
CA ILE A 50 9.30 -1.51 13.07
C ILE A 50 10.21 -1.44 14.30
N GLN A 51 10.09 -0.36 15.07
CA GLN A 51 10.87 -0.16 16.29
C GLN A 51 10.58 -1.23 17.34
N ASN A 52 9.31 -1.60 17.50
CA ASN A 52 8.91 -2.68 18.39
C ASN A 52 9.44 -4.04 17.92
N SER A 53 9.42 -4.24 16.60
CA SER A 53 9.91 -5.46 15.99
C SER A 53 11.41 -5.64 16.20
N LEU A 54 12.16 -4.55 16.08
CA LEU A 54 13.62 -4.57 16.24
C LEU A 54 14.06 -4.90 17.66
N THR A 55 13.31 -4.42 18.65
CA THR A 55 13.61 -4.70 20.05
C THR A 55 13.31 -6.16 20.39
N ILE A 56 12.18 -6.67 19.89
CA ILE A 56 11.81 -8.07 20.08
C ILE A 56 12.83 -8.99 19.41
N GLU A 57 13.23 -8.65 18.18
CA GLU A 57 14.28 -9.38 17.48
C GLU A 57 15.61 -9.34 18.25
N ARG A 58 15.91 -8.19 18.85
CA ARG A 58 17.12 -8.02 19.65
C ARG A 58 17.14 -8.94 20.87
N MET A 59 16.01 -8.97 21.59
CA MET A 59 15.88 -9.73 22.82
C MET A 59 16.16 -11.23 22.65
N VAL A 60 15.62 -11.83 21.59
CA VAL A 60 15.84 -13.25 21.32
C VAL A 60 17.26 -13.56 20.84
N LEU A 61 17.92 -12.60 20.20
CA LEU A 61 19.30 -12.76 19.77
C LEU A 61 20.26 -12.59 20.93
N SER A 62 19.90 -11.68 21.86
CA SER A 62 20.66 -11.43 23.07
C SER A 62 20.52 -12.58 24.07
N ALA A 63 19.38 -13.28 24.00
CA ALA A 63 19.13 -14.43 24.88
C ALA A 63 19.97 -15.65 24.46
N PHE A 64 20.29 -15.73 23.18
CA PHE A 64 21.13 -16.82 22.66
C PHE A 64 22.55 -16.32 22.42
N LYS A 84 19.09 -11.67 32.05
CA LYS A 84 18.13 -10.62 31.70
C LYS A 84 18.40 -9.99 30.33
N THR A 85 17.32 -9.69 29.60
CA THR A 85 17.39 -8.98 28.33
C THR A 85 16.23 -7.99 28.20
N GLY A 86 16.42 -6.94 27.41
CA GLY A 86 15.37 -5.95 27.24
C GLY A 86 15.65 -4.91 26.16
N GLY A 87 14.86 -3.85 26.17
CA GLY A 87 14.97 -2.78 25.19
C GLY A 87 13.72 -1.93 25.15
N PRO A 88 13.72 -0.85 24.36
CA PRO A 88 12.56 0.04 24.31
C PRO A 88 11.36 -0.55 23.56
N ILE A 89 10.19 -0.43 24.17
CA ILE A 89 8.94 -0.84 23.57
C ILE A 89 7.97 0.34 23.55
N TYR A 90 7.37 0.58 22.40
CA TYR A 90 6.62 1.80 22.15
C TYR A 90 5.13 1.53 22.04
N ARG A 91 4.35 2.30 22.80
CA ARG A 91 2.89 2.16 22.85
C ARG A 91 2.21 3.48 22.56
N ARG A 92 0.96 3.41 22.11
CA ARG A 92 0.14 4.59 21.85
C ARG A 92 -0.75 4.89 23.05
N VAL A 93 -0.25 5.72 23.97
CA VAL A 93 -0.95 6.04 25.21
C VAL A 93 -1.53 7.45 25.22
N ASP A 94 -2.86 7.54 25.28
CA ASP A 94 -3.59 8.80 25.42
C ASP A 94 -3.29 9.81 24.30
N GLY A 95 -3.21 9.32 23.07
CA GLY A 95 -2.94 10.15 21.90
C GLY A 95 -1.48 10.50 21.66
N LYS A 96 -0.59 9.87 22.44
CA LYS A 96 0.84 10.12 22.32
C LYS A 96 1.67 8.84 22.40
N TRP A 97 2.83 8.84 21.73
CA TRP A 97 3.75 7.71 21.76
C TRP A 97 4.59 7.72 23.03
N ARG A 98 4.55 6.61 23.76
CA ARG A 98 5.29 6.49 25.00
C ARG A 98 6.36 5.40 24.90
N ARG A 99 7.46 5.60 25.61
CA ARG A 99 8.58 4.66 25.61
C ARG A 99 8.71 3.99 26.97
N GLU A 100 8.81 2.66 26.95
CA GLU A 100 9.01 1.87 28.14
C GLU A 100 10.04 0.79 27.86
N LEU A 101 11.04 0.66 28.73
CA LEU A 101 12.05 -0.38 28.58
C LEU A 101 11.87 -1.49 29.60
N ILE A 102 11.18 -2.54 29.19
CA ILE A 102 10.91 -3.69 30.05
C ILE A 102 11.98 -4.76 29.94
N LEU A 103 11.98 -5.68 30.90
CA LEU A 103 12.97 -6.75 30.95
C LEU A 103 12.35 -8.13 30.91
N TYR A 104 13.13 -9.11 30.44
CA TYR A 104 12.73 -10.50 30.37
C TYR A 104 13.92 -11.38 30.74
N ASP A 105 13.64 -12.51 31.40
CA ASP A 105 14.68 -13.50 31.66
C ASP A 105 15.04 -14.23 30.39
N LYS A 106 16.33 -14.24 30.07
CA LYS A 106 16.86 -14.90 28.87
C LYS A 106 16.35 -16.34 28.73
N GLU A 107 16.25 -17.03 29.85
CA GLU A 107 15.72 -18.40 29.89
C GLU A 107 14.28 -18.49 29.38
N GLU A 108 13.47 -17.51 29.76
CA GLU A 108 12.07 -17.47 29.35
C GLU A 108 11.92 -17.20 27.86
N ILE A 109 12.71 -16.26 27.33
CA ILE A 109 12.75 -15.97 25.90
C ILE A 109 13.22 -17.20 25.13
N ARG A 110 14.32 -17.79 25.58
CA ARG A 110 14.88 -19.01 24.97
C ARG A 110 13.86 -20.14 24.91
N ARG A 111 13.01 -20.22 25.94
CA ARG A 111 11.94 -21.21 25.99
C ARG A 111 10.85 -20.91 24.97
N ILE A 112 10.47 -19.63 24.85
CA ILE A 112 9.45 -19.20 23.90
C ILE A 112 9.88 -19.44 22.45
N TRP A 113 11.16 -19.17 22.15
CA TRP A 113 11.69 -19.37 20.80
C TRP A 113 11.69 -20.84 20.39
N ARG A 114 12.20 -21.71 21.27
CA ARG A 114 12.23 -23.16 21.02
C ARG A 114 10.82 -23.72 20.79
N GLN A 115 9.88 -23.28 21.61
CA GLN A 115 8.52 -23.81 21.59
C GLN A 115 7.65 -23.25 20.48
N ALA A 116 8.08 -22.13 19.90
CA ALA A 116 7.43 -21.59 18.69
C ALA A 116 8.02 -22.25 17.45
N ASN A 117 9.17 -22.89 17.62
CA ASN A 117 9.84 -23.62 16.55
C ASN A 117 9.73 -25.14 16.72
N ASN A 118 8.54 -25.60 17.12
CA ASN A 118 8.21 -27.02 17.27
C ASN A 118 9.33 -27.87 17.89
N GLY A 119 9.76 -27.46 19.09
CA GLY A 119 10.77 -28.19 19.84
C GLY A 119 12.21 -27.82 19.53
N ASP A 120 12.57 -27.86 18.25
CA ASP A 120 13.95 -27.63 17.79
C ASP A 120 14.56 -26.33 18.31
N ASP A 121 15.88 -26.36 18.53
CA ASP A 121 16.64 -25.19 18.96
C ASP A 121 16.56 -24.07 17.93
N ALA A 122 16.41 -24.47 16.65
CA ALA A 122 16.24 -23.56 15.52
C ALA A 122 17.24 -22.40 15.50
N THR A 123 18.43 -22.67 14.97
CA THR A 123 19.45 -21.65 14.86
C THR A 123 19.29 -20.86 13.55
N ALA A 124 18.71 -21.51 12.54
CA ALA A 124 18.54 -20.92 11.21
C ALA A 124 17.71 -19.63 11.23
N GLY A 125 16.58 -19.67 11.94
CA GLY A 125 15.69 -18.51 12.06
C GLY A 125 16.32 -17.37 12.81
N LEU A 126 17.28 -17.70 13.67
CA LEU A 126 18.03 -16.71 14.45
C LEU A 126 19.00 -15.93 13.57
N THR A 127 19.75 -16.64 12.73
CA THR A 127 20.69 -15.96 11.81
C THR A 127 19.92 -15.23 10.71
N HIS A 128 18.68 -15.62 10.49
CA HIS A 128 17.80 -14.93 9.54
C HIS A 128 17.43 -13.53 10.04
N MET A 129 17.18 -13.42 11.34
CA MET A 129 16.93 -12.12 11.96
C MET A 129 18.22 -11.29 12.07
N MET A 130 19.36 -11.99 12.14
CA MET A 130 20.67 -11.34 12.17
C MET A 130 21.04 -10.75 10.82
N ILE A 131 20.75 -11.49 9.75
CA ILE A 131 21.01 -11.03 8.39
C ILE A 131 20.12 -9.84 8.02
N TRP A 132 18.89 -9.84 8.54
CA TRP A 132 17.99 -8.69 8.41
C TRP A 132 18.57 -7.44 9.10
N HIS A 133 19.12 -7.62 10.31
CA HIS A 133 19.78 -6.51 11.02
C HIS A 133 21.01 -6.03 10.27
N SER A 134 21.76 -6.99 9.74
CA SER A 134 22.96 -6.73 8.95
C SER A 134 22.63 -5.92 7.70
N ASN A 135 21.57 -6.33 6.98
CA ASN A 135 21.13 -5.62 5.79
C ASN A 135 20.71 -4.18 6.09
N LEU A 136 20.02 -3.99 7.21
CA LEU A 136 19.62 -2.66 7.66
C LEU A 136 20.82 -1.79 8.03
N ASN A 137 21.79 -2.38 8.73
CA ASN A 137 23.04 -1.69 9.05
C ASN A 137 23.81 -1.31 7.78
N ASP A 138 23.85 -2.24 6.82
CA ASP A 138 24.48 -2.00 5.53
C ASP A 138 23.87 -0.81 4.78
N ALA A 139 22.57 -0.61 4.95
CA ALA A 139 21.86 0.50 4.32
C ALA A 139 21.96 1.81 5.11
N THR A 140 22.07 1.70 6.44
CA THR A 140 22.04 2.87 7.32
C THR A 140 23.40 3.52 7.53
N TYR A 141 24.40 2.70 7.88
CA TYR A 141 25.70 3.21 8.29
C TYR A 141 26.83 2.88 7.34
N GLN A 142 27.68 3.87 7.08
CA GLN A 142 28.98 3.65 6.48
C GLN A 142 29.95 3.34 7.60
N ARG A 143 30.76 2.29 7.43
CA ARG A 143 31.71 1.86 8.47
C ARG A 143 33.15 2.14 8.07
N THR A 144 33.45 3.41 7.84
CA THR A 144 34.77 3.85 7.39
C THR A 144 35.82 3.80 8.50
N ARG A 145 35.39 4.11 9.73
CA ARG A 145 36.25 4.02 10.91
C ARG A 145 36.74 2.59 11.16
N ALA A 146 35.85 1.61 10.91
CA ALA A 146 36.22 0.20 11.01
C ALA A 146 37.18 -0.21 9.88
N LEU A 147 37.05 0.44 8.74
CA LEU A 147 37.87 0.13 7.57
C LEU A 147 39.31 0.64 7.72
N VAL A 148 39.46 1.87 8.20
CA VAL A 148 40.78 2.51 8.37
C VAL A 148 41.63 1.82 9.45
N ARG A 149 40.99 1.35 10.51
CA ARG A 149 41.68 0.62 11.57
C ARG A 149 42.26 -0.70 11.05
N THR A 150 41.56 -1.30 10.08
CA THR A 150 41.97 -2.57 9.49
C THR A 150 42.96 -2.35 8.33
N GLY A 151 43.28 -1.08 8.06
CA GLY A 151 44.20 -0.73 6.97
C GLY A 151 43.57 -0.87 5.60
N MET A 152 42.24 -0.76 5.55
CA MET A 152 41.48 -0.89 4.31
C MET A 152 41.01 0.47 3.80
N ASP A 153 40.89 0.58 2.48
CA ASP A 153 40.35 1.77 1.83
C ASP A 153 38.86 1.92 2.20
N PRO A 154 38.46 3.09 2.72
CA PRO A 154 37.06 3.35 3.08
C PRO A 154 36.11 3.41 1.89
N ARG A 155 36.63 3.41 0.67
CA ARG A 155 35.81 3.40 -0.55
C ARG A 155 35.40 1.98 -0.96
N MET A 156 35.59 1.03 -0.05
CA MET A 156 35.26 -0.37 -0.31
C MET A 156 33.87 -0.77 0.21
N CYS A 157 33.00 0.21 0.43
CA CYS A 157 31.61 -0.02 0.84
C CYS A 157 31.02 -1.29 0.26
N SER A 158 31.01 -1.36 -1.07
CA SER A 158 30.28 -2.38 -1.81
C SER A 158 30.78 -3.79 -1.55
N LEU A 159 31.91 -3.88 -0.85
CA LEU A 159 32.50 -5.15 -0.48
C LEU A 159 32.14 -5.57 0.94
N MET A 160 31.34 -4.74 1.62
CA MET A 160 31.20 -4.87 3.08
C MET A 160 29.87 -5.44 3.57
N GLN A 161 29.13 -6.11 2.69
CA GLN A 161 27.89 -6.76 3.12
C GLN A 161 28.15 -7.70 4.30
N GLY A 162 27.35 -7.57 5.35
CA GLY A 162 27.45 -8.43 6.53
C GLY A 162 28.67 -8.18 7.41
N SER A 163 29.15 -6.94 7.40
CA SER A 163 30.34 -6.58 8.19
C SER A 163 30.03 -6.42 9.68
N THR A 164 28.78 -6.03 10.00
CA THR A 164 28.33 -5.93 11.40
C THR A 164 27.85 -7.28 11.90
N LEU A 165 27.84 -8.26 11.01
CA LEU A 165 27.50 -9.63 11.35
C LEU A 165 28.69 -10.26 12.07
N PRO A 166 28.44 -10.96 13.19
CA PRO A 166 29.53 -11.55 13.96
C PRO A 166 30.39 -12.54 13.18
N ARG A 167 31.67 -12.61 13.55
CA ARG A 167 32.56 -13.66 13.05
C ARG A 167 31.98 -14.99 13.49
N ARG A 168 32.09 -16.00 12.64
CA ARG A 168 31.45 -17.29 12.91
C ARG A 168 29.95 -17.08 13.09
N SER A 169 29.31 -16.68 12.00
CA SER A 169 27.86 -16.54 11.94
C SER A 169 27.33 -17.91 11.52
N GLY A 170 26.18 -17.95 10.86
CA GLY A 170 25.70 -19.20 10.29
C GLY A 170 26.31 -19.44 8.91
N ALA A 171 25.96 -20.56 8.30
CA ALA A 171 26.33 -20.83 6.90
C ALA A 171 25.65 -19.80 6.00
N ALA A 172 24.42 -19.45 6.35
CA ALA A 172 23.65 -18.39 5.67
C ALA A 172 24.31 -17.02 5.85
N GLY A 173 24.95 -16.84 7.01
CA GLY A 173 25.72 -15.62 7.29
C GLY A 173 27.01 -15.57 6.49
N ALA A 174 27.63 -16.73 6.29
CA ALA A 174 28.87 -16.84 5.55
C ALA A 174 28.66 -16.52 4.07
N ALA A 175 27.54 -16.99 3.53
CA ALA A 175 27.19 -16.78 2.12
C ALA A 175 26.88 -15.32 1.82
N VAL A 176 26.29 -14.64 2.80
CA VAL A 176 25.82 -13.26 2.65
C VAL A 176 26.96 -12.23 2.80
N LYS A 177 28.06 -12.64 3.42
CA LYS A 177 29.19 -11.75 3.66
C LYS A 177 29.94 -11.40 2.38
N GLY A 178 30.22 -10.12 2.19
CA GLY A 178 30.98 -9.64 1.04
C GLY A 178 32.46 -9.96 1.14
N VAL A 179 33.17 -9.83 0.02
CA VAL A 179 34.61 -10.08 -0.04
C VAL A 179 35.38 -9.23 0.98
N GLY A 180 35.03 -7.94 1.06
CA GLY A 180 35.68 -7.01 1.98
C GLY A 180 35.50 -7.38 3.44
N THR A 181 34.28 -7.82 3.79
CA THR A 181 33.99 -8.32 5.13
C THR A 181 34.95 -9.45 5.49
N MET A 182 35.05 -10.42 4.57
CA MET A 182 35.95 -11.56 4.73
C MET A 182 37.40 -11.16 4.89
N VAL A 183 37.86 -10.24 4.03
CA VAL A 183 39.20 -9.67 4.12
C VAL A 183 39.44 -8.98 5.47
N MET A 184 38.49 -8.14 5.89
CA MET A 184 38.55 -7.44 7.17
C MET A 184 38.67 -8.39 8.36
N GLU A 185 37.82 -9.41 8.39
CA GLU A 185 37.82 -10.43 9.44
C GLU A 185 39.14 -11.19 9.49
N LEU A 186 39.73 -11.42 8.32
CA LEU A 186 41.01 -12.11 8.20
C LEU A 186 42.19 -11.27 8.71
N ILE A 187 42.12 -9.96 8.50
CA ILE A 187 43.18 -9.05 8.96
C ILE A 187 43.16 -8.94 10.49
N ARG A 188 41.96 -8.94 11.08
CA ARG A 188 41.79 -8.92 12.53
C ARG A 188 42.36 -10.17 13.19
N MET A 189 42.34 -11.28 12.45
CA MET A 189 43.00 -12.51 12.88
C MET A 189 44.52 -12.30 12.88
N ILE A 190 45.04 -11.84 11.74
CA ILE A 190 46.46 -11.57 11.56
C ILE A 190 47.01 -10.58 12.62
N LYS A 191 46.24 -9.53 12.90
CA LYS A 191 46.60 -8.56 13.93
C LYS A 191 46.41 -9.14 15.34
N GLY A 205 45.95 -23.46 22.08
CA GLY A 205 45.04 -22.60 21.32
C GLY A 205 45.32 -22.60 19.82
N ARG A 206 45.21 -23.76 19.19
CA ARG A 206 45.42 -23.90 17.76
C ARG A 206 44.09 -24.03 17.01
N ARG A 207 43.00 -23.63 17.69
CA ARG A 207 41.69 -23.48 17.05
C ARG A 207 41.66 -22.17 16.25
N THR A 208 42.66 -21.32 16.51
CA THR A 208 42.88 -20.11 15.74
C THR A 208 43.29 -20.47 14.30
N ARG A 209 44.03 -21.57 14.16
CA ARG A 209 44.52 -22.04 12.87
C ARG A 209 43.39 -22.52 11.96
N ILE A 210 42.46 -23.30 12.50
CA ILE A 210 41.35 -23.84 11.69
C ILE A 210 40.34 -22.75 11.33
N ALA A 211 40.12 -21.81 12.24
CA ALA A 211 39.23 -20.68 12.01
C ALA A 211 39.80 -19.76 10.94
N TYR A 212 41.13 -19.63 10.90
CA TYR A 212 41.85 -18.89 9.87
C TYR A 212 41.69 -19.57 8.50
N GLU A 213 41.75 -20.90 8.50
CA GLU A 213 41.66 -21.67 7.25
C GLU A 213 40.23 -21.79 6.72
N ARG A 214 39.26 -21.89 7.63
CA ARG A 214 37.84 -21.90 7.24
C ARG A 214 37.50 -20.59 6.50
N MET A 215 37.90 -19.47 7.08
CA MET A 215 37.66 -18.15 6.51
C MET A 215 38.35 -17.92 5.17
N CYS A 216 39.54 -18.50 5.00
CA CYS A 216 40.25 -18.45 3.72
C CYS A 216 39.46 -19.23 2.64
N ASN A 217 38.88 -20.36 3.05
CA ASN A 217 38.04 -21.15 2.16
C ASN A 217 36.72 -20.47 1.81
N ILE A 218 36.10 -19.80 2.79
CA ILE A 218 34.88 -19.03 2.55
C ILE A 218 35.15 -17.94 1.50
N LEU A 219 36.27 -17.24 1.67
CA LEU A 219 36.69 -16.18 0.75
C LEU A 219 37.04 -16.73 -0.65
N LYS A 220 37.76 -17.85 -0.67
CA LYS A 220 38.15 -18.52 -1.92
C LYS A 220 36.93 -18.93 -2.76
N GLY A 221 35.90 -19.46 -2.10
CA GLY A 221 34.68 -19.90 -2.76
C GLY A 221 33.88 -18.77 -3.37
N LYS A 222 34.19 -17.55 -2.95
CA LYS A 222 33.50 -16.36 -3.45
C LYS A 222 34.15 -15.79 -4.71
N PHE A 223 35.46 -15.93 -4.84
CA PHE A 223 36.17 -15.47 -6.03
C PHE A 223 35.84 -16.33 -7.23
N GLN A 224 35.66 -15.67 -8.37
CA GLN A 224 35.18 -16.33 -9.59
C GLN A 224 36.30 -16.59 -10.61
N THR A 225 37.50 -16.05 -10.36
CA THR A 225 38.66 -16.36 -11.20
C THR A 225 39.63 -17.30 -10.47
N ALA A 226 40.33 -18.12 -11.24
CA ALA A 226 41.35 -19.03 -10.72
C ALA A 226 42.50 -18.27 -10.05
N ALA A 227 42.94 -17.20 -10.71
CA ALA A 227 44.05 -16.38 -10.22
C ALA A 227 43.80 -15.82 -8.81
N GLN A 228 42.60 -15.31 -8.57
CA GLN A 228 42.23 -14.78 -7.26
C GLN A 228 42.20 -15.90 -6.23
N ARG A 229 41.71 -17.07 -6.65
CA ARG A 229 41.64 -18.24 -5.77
C ARG A 229 43.02 -18.76 -5.40
N THR A 230 43.94 -18.74 -6.35
CA THR A 230 45.33 -19.20 -6.13
C THR A 230 46.06 -18.31 -5.12
N MET A 231 45.70 -17.03 -5.09
CA MET A 231 46.28 -16.08 -4.14
C MET A 231 45.79 -16.37 -2.72
N VAL A 232 44.53 -16.77 -2.59
CA VAL A 232 43.95 -17.13 -1.29
C VAL A 232 44.61 -18.38 -0.73
N ASP A 233 44.89 -19.35 -1.61
CA ASP A 233 45.66 -20.54 -1.24
C ASP A 233 47.02 -20.16 -0.67
N GLN A 234 47.67 -19.17 -1.30
CA GLN A 234 48.98 -18.69 -0.85
C GLN A 234 48.91 -17.96 0.50
N VAL A 235 47.78 -17.31 0.77
CA VAL A 235 47.54 -16.68 2.07
C VAL A 235 47.25 -17.77 3.11
N ARG A 236 46.49 -18.79 2.70
CA ARG A 236 46.11 -19.90 3.59
C ARG A 236 47.29 -20.81 3.94
N GLU A 237 48.07 -21.21 2.94
CA GLU A 237 49.18 -22.14 3.12
C GLU A 237 50.33 -21.57 3.98
N SER A 238 50.26 -20.26 4.23
CA SER A 238 51.27 -19.56 5.01
C SER A 238 51.28 -19.97 6.47
N ARG A 239 52.49 -20.26 6.98
CA ARG A 239 52.70 -20.46 8.41
C ARG A 239 53.02 -19.11 9.04
N ASN A 240 52.43 -18.86 10.22
CA ASN A 240 52.60 -17.60 10.94
C ASN A 240 52.28 -16.36 10.07
N PRO A 241 50.98 -16.12 9.80
CA PRO A 241 50.56 -15.03 8.90
C PRO A 241 50.90 -13.63 9.42
N GLY A 242 51.25 -12.73 8.51
CA GLY A 242 51.68 -11.39 8.88
C GLY A 242 51.42 -10.34 7.80
N ASN A 243 52.43 -9.53 7.51
CA ASN A 243 52.30 -8.40 6.57
C ASN A 243 52.14 -8.77 5.10
N ALA A 244 52.84 -9.81 4.65
CA ALA A 244 52.71 -10.30 3.28
C ALA A 244 51.28 -10.73 2.96
N GLU A 245 50.66 -11.43 3.91
CA GLU A 245 49.29 -11.88 3.77
C GLU A 245 48.30 -10.73 3.91
N PHE A 246 48.65 -9.73 4.72
CA PHE A 246 47.88 -8.50 4.85
C PHE A 246 47.86 -7.73 3.53
N GLU A 247 49.03 -7.61 2.92
CA GLU A 247 49.19 -6.89 1.65
C GLU A 247 48.49 -7.64 0.51
N ASP A 248 48.48 -8.96 0.59
CA ASP A 248 47.80 -9.81 -0.38
C ASP A 248 46.28 -9.69 -0.28
N LEU A 249 45.78 -9.59 0.96
CA LEU A 249 44.33 -9.48 1.20
C LEU A 249 43.77 -8.14 0.77
N ILE A 250 44.54 -7.06 0.96
CA ILE A 250 44.16 -5.74 0.46
C ILE A 250 44.15 -5.71 -1.08
N PHE A 251 45.13 -6.38 -1.68
CA PHE A 251 45.19 -6.52 -3.14
C PHE A 251 43.95 -7.23 -3.66
N LEU A 252 43.58 -8.33 -3.00
CA LEU A 252 42.41 -9.12 -3.37
C LEU A 252 41.10 -8.36 -3.20
N ALA A 253 41.03 -7.50 -2.19
CA ALA A 253 39.86 -6.65 -1.99
C ALA A 253 39.69 -5.64 -3.12
N ARG A 254 40.78 -5.00 -3.54
CA ARG A 254 40.76 -4.05 -4.66
C ARG A 254 40.31 -4.71 -5.97
N SER A 255 40.79 -5.93 -6.18
CA SER A 255 40.43 -6.71 -7.37
C SER A 255 38.94 -7.03 -7.41
N ALA A 256 38.34 -7.15 -6.24
CA ALA A 256 36.93 -7.52 -6.10
C ALA A 256 35.97 -6.37 -6.40
N LEU A 257 36.52 -5.18 -6.64
CA LEU A 257 35.73 -4.03 -7.08
C LEU A 257 35.47 -4.11 -8.59
N ILE A 258 36.37 -4.80 -9.31
CA ILE A 258 36.23 -5.00 -10.75
C ILE A 258 35.93 -6.46 -11.08
N LEU A 259 36.78 -7.37 -10.61
CA LEU A 259 36.51 -8.81 -10.70
C LEU A 259 35.72 -9.23 -9.47
N ARG A 260 34.44 -8.85 -9.46
CA ARG A 260 33.58 -9.01 -8.29
C ARG A 260 33.37 -10.47 -7.90
N GLY A 261 33.26 -10.71 -6.60
CA GLY A 261 33.05 -12.06 -6.09
C GLY A 261 31.59 -12.46 -5.98
N SER A 262 31.34 -13.76 -5.84
CA SER A 262 30.00 -14.29 -5.60
C SER A 262 29.58 -14.08 -4.15
N VAL A 263 28.62 -13.19 -3.95
CA VAL A 263 28.09 -12.89 -2.62
C VAL A 263 26.57 -13.10 -2.67
N ALA A 264 26.04 -13.80 -1.68
CA ALA A 264 24.61 -14.09 -1.64
C ALA A 264 23.81 -12.88 -1.20
N HIS A 265 22.57 -12.79 -1.68
CA HIS A 265 21.67 -11.71 -1.33
C HIS A 265 20.32 -12.31 -0.97
N LYS A 266 19.85 -11.98 0.22
CA LYS A 266 18.65 -12.61 0.76
C LYS A 266 17.68 -11.57 1.31
N SER A 267 16.49 -11.54 0.75
CA SER A 267 15.44 -10.67 1.28
C SER A 267 15.03 -11.19 2.65
N CYS A 268 15.43 -10.46 3.68
CA CYS A 268 15.12 -10.82 5.05
C CYS A 268 14.35 -9.67 5.69
N LEU A 269 13.14 -9.96 6.16
CA LEU A 269 12.21 -8.93 6.61
C LEU A 269 12.12 -8.89 8.13
N PRO A 270 11.73 -7.74 8.70
CA PRO A 270 11.43 -7.68 10.13
C PRO A 270 10.41 -8.73 10.53
N ALA A 271 10.59 -9.29 11.72
CA ALA A 271 9.76 -10.38 12.24
C ALA A 271 8.26 -10.08 12.25
N CYS A 272 7.89 -8.82 12.43
CA CYS A 272 6.49 -8.40 12.38
C CYS A 272 5.79 -8.68 11.05
N VAL A 273 6.54 -8.64 9.95
CA VAL A 273 6.00 -8.95 8.64
C VAL A 273 5.59 -10.43 8.57
N TYR A 274 6.47 -11.30 9.07
CA TYR A 274 6.22 -12.74 9.12
C TYR A 274 5.10 -13.09 10.11
N GLY A 275 5.17 -12.47 11.30
CA GLY A 275 4.16 -12.68 12.34
C GLY A 275 2.78 -12.27 11.89
N SER A 276 2.70 -11.09 11.28
CA SER A 276 1.44 -10.57 10.75
C SER A 276 0.82 -11.51 9.70
N ALA A 277 1.67 -12.12 8.87
CA ALA A 277 1.22 -13.05 7.84
C ALA A 277 0.66 -14.36 8.43
N VAL A 278 1.38 -14.94 9.39
CA VAL A 278 0.92 -16.13 10.10
C VAL A 278 -0.41 -15.88 10.81
N ALA A 279 -0.51 -14.73 11.48
CA ALA A 279 -1.73 -14.34 12.19
C ALA A 279 -2.93 -14.26 11.25
N SER A 280 -2.71 -13.73 10.06
CA SER A 280 -3.78 -13.47 9.11
C SER A 280 -4.22 -14.68 8.29
N GLY A 281 -3.51 -15.80 8.46
CA GLY A 281 -3.92 -17.06 7.84
C GLY A 281 -3.00 -17.64 6.78
N TYR A 282 -1.82 -17.05 6.61
CA TYR A 282 -0.84 -17.59 5.67
C TYR A 282 -0.08 -18.73 6.32
N ASP A 283 0.05 -19.84 5.60
CA ASP A 283 0.84 -20.97 6.05
C ASP A 283 2.09 -21.08 5.20
N PHE A 284 3.22 -20.69 5.78
CA PHE A 284 4.50 -20.72 5.07
C PHE A 284 5.02 -22.15 4.82
N GLU A 285 4.58 -23.10 5.64
CA GLU A 285 4.95 -24.52 5.48
C GLU A 285 4.18 -25.21 4.34
N ARG A 286 2.92 -24.82 4.16
CA ARG A 286 2.10 -25.35 3.08
C ARG A 286 2.45 -24.69 1.75
N GLU A 287 2.71 -23.39 1.77
CA GLU A 287 2.99 -22.63 0.55
C GLU A 287 4.47 -22.65 0.20
N GLY A 288 5.31 -22.96 1.19
CA GLY A 288 6.76 -22.83 1.03
C GLY A 288 7.16 -21.37 1.03
N TYR A 289 8.45 -21.12 0.95
CA TYR A 289 8.96 -19.76 0.93
C TYR A 289 10.35 -19.72 0.30
N SER A 290 10.69 -18.59 -0.29
CA SER A 290 11.99 -18.39 -0.91
C SER A 290 12.51 -17.02 -0.57
N LEU A 291 13.81 -16.92 -0.33
CA LEU A 291 14.45 -15.67 0.01
C LEU A 291 14.94 -14.93 -1.25
N VAL A 292 15.00 -15.66 -2.36
CA VAL A 292 15.57 -15.11 -3.60
C VAL A 292 14.56 -15.02 -4.74
N GLY A 293 13.44 -15.74 -4.61
CA GLY A 293 12.36 -15.69 -5.60
C GLY A 293 11.39 -14.54 -5.38
N ILE A 294 10.13 -14.77 -5.75
CA ILE A 294 9.09 -13.73 -5.71
C ILE A 294 8.47 -13.54 -4.32
N ASP A 295 8.55 -14.58 -3.49
CA ASP A 295 7.84 -14.65 -2.20
C ASP A 295 7.94 -13.40 -1.32
N PRO A 296 9.16 -12.90 -1.03
CA PRO A 296 9.27 -11.71 -0.17
C PRO A 296 8.65 -10.45 -0.78
N PHE A 297 8.79 -10.28 -2.10
CA PHE A 297 8.15 -9.16 -2.80
C PHE A 297 6.64 -9.22 -2.66
N ARG A 298 6.09 -10.42 -2.85
CA ARG A 298 4.65 -10.63 -2.73
C ARG A 298 4.17 -10.45 -1.29
N LEU A 299 5.00 -10.89 -0.33
CA LEU A 299 4.67 -10.72 1.09
C LEU A 299 4.60 -9.23 1.47
N LEU A 300 5.60 -8.46 1.04
CA LEU A 300 5.62 -7.02 1.31
C LEU A 300 4.44 -6.29 0.67
N GLN A 301 4.02 -6.75 -0.50
CA GLN A 301 2.87 -6.22 -1.21
C GLN A 301 1.57 -6.43 -0.43
N ASN A 302 1.54 -7.48 0.40
CA ASN A 302 0.38 -7.80 1.22
C ASN A 302 0.60 -7.44 2.70
N SER A 303 1.64 -6.64 2.95
CA SER A 303 2.00 -6.23 4.31
C SER A 303 1.94 -4.71 4.49
N GLN A 304 1.77 -4.29 5.74
CA GLN A 304 1.82 -2.87 6.10
C GLN A 304 2.59 -2.67 7.41
N VAL A 305 3.77 -2.07 7.29
CA VAL A 305 4.65 -1.85 8.43
C VAL A 305 4.72 -0.35 8.73
N TYR A 306 4.87 -0.03 10.02
CA TYR A 306 4.92 1.35 10.47
C TYR A 306 6.28 1.70 11.05
N SER A 307 6.56 3.00 11.13
CA SER A 307 7.80 3.49 11.73
C SER A 307 7.58 4.80 12.47
N LEU A 308 8.32 4.99 13.55
CA LEU A 308 8.38 6.27 14.24
C LEU A 308 9.20 7.24 13.41
N ILE A 309 8.68 8.45 13.24
CA ILE A 309 9.33 9.48 12.43
C ILE A 309 9.64 10.73 13.28
N ARG A 310 10.89 11.21 13.16
CA ARG A 310 11.34 12.43 13.82
C ARG A 310 10.82 13.68 13.09
N PRO A 311 10.80 14.84 13.78
CA PRO A 311 10.29 16.11 13.25
C PRO A 311 10.74 16.48 11.84
N ASN A 312 12.04 16.42 11.59
CA ASN A 312 12.60 16.91 10.32
C ASN A 312 12.75 15.84 9.24
N GLU A 313 12.15 14.68 9.45
CA GLU A 313 12.34 13.53 8.57
C GLU A 313 11.24 13.38 7.52
N ASN A 314 11.64 12.90 6.34
CA ASN A 314 10.72 12.58 5.24
C ASN A 314 10.37 11.09 5.29
N PRO A 315 9.07 10.76 5.49
CA PRO A 315 8.64 9.37 5.62
C PRO A 315 8.93 8.53 4.37
N ALA A 316 8.95 9.17 3.20
CA ALA A 316 9.30 8.50 1.96
C ALA A 316 10.76 8.07 1.94
N HIS A 317 11.62 8.91 2.51
CA HIS A 317 13.05 8.61 2.61
C HIS A 317 13.35 7.51 3.65
N LYS A 318 12.61 7.52 4.74
CA LYS A 318 12.61 6.41 5.70
C LYS A 318 12.21 5.11 5.02
N SER A 319 11.18 5.20 4.17
CA SER A 319 10.69 4.06 3.40
C SER A 319 11.76 3.49 2.46
N GLN A 320 12.44 4.36 1.73
CA GLN A 320 13.50 3.94 0.81
C GLN A 320 14.57 3.13 1.53
N LEU A 321 15.00 3.62 2.69
CA LEU A 321 16.03 2.97 3.50
C LEU A 321 15.65 1.53 3.91
N VAL A 322 14.44 1.37 4.42
CA VAL A 322 13.96 0.05 4.88
C VAL A 322 13.66 -0.87 3.70
N TRP A 323 13.24 -0.28 2.58
CA TRP A 323 13.04 -1.05 1.35
C TRP A 323 14.36 -1.64 0.89
N MET A 324 15.39 -0.79 0.86
CA MET A 324 16.74 -1.20 0.49
C MET A 324 17.25 -2.33 1.39
N ALA A 325 17.08 -2.16 2.70
CA ALA A 325 17.48 -3.16 3.69
C ALA A 325 16.75 -4.48 3.47
N CYS A 326 15.44 -4.42 3.27
CA CYS A 326 14.60 -5.60 3.09
C CYS A 326 15.08 -6.50 1.96
N HIS A 327 15.55 -5.89 0.87
CA HIS A 327 15.98 -6.63 -0.30
C HIS A 327 17.50 -6.65 -0.49
N SER A 328 18.22 -6.39 0.61
CA SER A 328 19.69 -6.43 0.63
C SER A 328 20.32 -5.62 -0.51
N ALA A 329 19.86 -4.38 -0.67
CA ALA A 329 20.14 -3.57 -1.86
C ALA A 329 21.06 -2.38 -1.63
N ALA A 330 21.64 -2.28 -0.43
CA ALA A 330 22.54 -1.17 -0.07
C ALA A 330 23.59 -0.83 -1.14
N PHE A 331 24.20 -1.86 -1.72
CA PHE A 331 25.31 -1.68 -2.66
C PHE A 331 24.95 -1.99 -4.12
N GLU A 332 23.65 -2.12 -4.40
CA GLU A 332 23.17 -2.20 -5.78
C GLU A 332 23.31 -0.89 -6.53
N ASP A 333 23.31 -0.97 -7.86
CA ASP A 333 23.17 0.19 -8.74
C ASP A 333 21.81 0.85 -8.44
N LEU A 334 21.83 2.16 -8.21
CA LEU A 334 20.60 2.89 -7.92
C LEU A 334 19.64 2.87 -9.11
N ARG A 335 20.19 2.80 -10.33
CA ARG A 335 19.40 2.67 -11.54
C ARG A 335 18.47 1.46 -11.51
N VAL A 336 19.00 0.27 -11.18
CA VAL A 336 18.20 -0.96 -11.12
C VAL A 336 17.23 -0.98 -9.93
N SER A 337 17.68 -0.45 -8.79
CA SER A 337 16.82 -0.35 -7.61
C SER A 337 15.62 0.55 -7.88
N SER A 338 15.89 1.70 -8.52
CA SER A 338 14.84 2.66 -8.88
C SER A 338 13.83 2.03 -9.83
N PHE A 339 14.34 1.35 -10.86
CA PHE A 339 13.50 0.73 -11.89
C PHE A 339 12.56 -0.31 -11.29
N ILE A 340 13.11 -1.18 -10.43
CA ILE A 340 12.34 -2.21 -9.74
C ILE A 340 11.29 -1.60 -8.81
N ARG A 341 11.70 -0.63 -7.99
CA ARG A 341 10.81 -0.02 -7.01
C ARG A 341 9.71 0.82 -7.67
N GLY A 342 10.04 1.48 -8.78
CA GLY A 342 9.07 2.29 -9.50
C GLY A 342 9.15 3.77 -9.20
N THR A 343 9.78 4.10 -8.08
CA THR A 343 10.12 5.49 -7.75
C THR A 343 11.63 5.58 -7.61
N LYS A 344 12.15 6.80 -7.65
CA LYS A 344 13.60 7.04 -7.57
C LYS A 344 14.17 6.56 -6.25
N VAL A 345 15.29 5.84 -6.33
CA VAL A 345 16.05 5.44 -5.15
C VAL A 345 17.26 6.36 -5.06
N VAL A 346 17.18 7.29 -4.12
CA VAL A 346 18.09 8.42 -3.97
C VAL A 346 19.29 8.02 -3.10
N PRO A 347 20.48 8.59 -3.37
CA PRO A 347 21.69 8.35 -2.56
C PRO A 347 21.51 8.67 -1.07
N ARG A 348 22.37 8.08 -0.24
CA ARG A 348 22.30 8.24 1.22
C ARG A 348 22.38 9.70 1.67
N GLY A 349 23.30 10.46 1.07
CA GLY A 349 23.53 11.85 1.44
C GLY A 349 22.40 12.81 1.11
N LYS A 350 21.50 12.38 0.23
CA LYS A 350 20.35 13.20 -0.15
C LYS A 350 19.05 12.71 0.49
N LEU A 351 19.17 11.85 1.50
CA LEU A 351 18.02 11.34 2.23
C LEU A 351 17.83 12.10 3.55
N SER A 352 16.66 12.71 3.72
CA SER A 352 16.34 13.46 4.92
C SER A 352 15.81 12.53 6.02
N THR A 353 16.70 11.65 6.49
CA THR A 353 16.35 10.66 7.50
C THR A 353 17.59 10.20 8.27
N ARG A 354 17.39 9.92 9.56
CA ARG A 354 18.43 9.26 10.36
C ARG A 354 18.12 7.77 10.41
N GLY A 355 18.76 7.06 11.33
CA GLY A 355 18.54 5.62 11.51
C GLY A 355 17.13 5.27 11.97
N VAL A 356 16.76 4.00 11.82
CA VAL A 356 15.42 3.52 12.18
C VAL A 356 15.19 3.58 13.68
N GLN A 357 16.16 3.08 14.45
CA GLN A 357 16.06 3.03 15.91
C GLN A 357 16.06 4.42 16.55
N ILE A 358 15.29 4.56 17.63
CA ILE A 358 15.22 5.81 18.37
C ILE A 358 15.94 5.64 19.70
N ALA A 359 16.99 6.43 19.89
CA ALA A 359 17.78 6.40 21.12
C ALA A 359 16.95 6.84 22.33
N SER A 360 17.37 6.40 23.51
CA SER A 360 16.71 6.77 24.76
C SER A 360 16.94 8.23 25.12
N ASN A 361 17.91 8.86 24.45
CA ASN A 361 18.23 10.27 24.64
C ASN A 361 17.10 11.19 24.21
N GLU A 362 16.57 10.95 23.01
CA GLU A 362 15.56 11.84 22.40
C GLU A 362 14.17 11.67 23.00
N ASN A 363 13.41 12.76 23.02
CA ASN A 363 12.10 12.78 23.67
C ASN A 363 10.97 12.33 22.76
N MET A 364 10.05 11.56 23.34
CA MET A 364 8.96 10.94 22.59
C MET A 364 7.82 11.90 22.26
N GLU A 365 7.73 13.01 22.98
CA GLU A 365 6.65 13.99 22.81
C GLU A 365 6.51 14.54 21.39
N THR A 366 7.61 14.48 20.62
CA THR A 366 7.63 14.98 19.24
C THR A 366 7.59 13.86 18.19
N MET A 367 7.57 12.61 18.64
CA MET A 367 7.53 11.47 17.73
C MET A 367 6.12 11.23 17.19
N GLU A 368 6.03 11.03 15.88
CA GLU A 368 4.81 10.62 15.21
C GLU A 368 5.06 9.28 14.52
N SER A 369 4.00 8.63 14.05
CA SER A 369 4.14 7.35 13.34
C SER A 369 3.65 7.43 11.89
N SER A 370 4.30 6.66 11.03
CA SER A 370 4.01 6.69 9.60
C SER A 370 4.08 5.31 8.96
N THR A 371 3.21 5.09 7.97
CA THR A 371 3.26 3.92 7.11
C THR A 371 4.59 3.92 6.36
N LEU A 372 5.25 2.76 6.33
CA LEU A 372 6.43 2.55 5.51
C LEU A 372 6.00 2.02 4.14
N GLU A 373 6.39 2.73 3.09
CA GLU A 373 6.11 2.28 1.73
C GLU A 373 7.19 1.28 1.30
N LEU A 374 6.83 0.00 1.32
CA LEU A 374 7.81 -1.07 1.08
C LEU A 374 7.46 -1.93 -0.15
N ARG A 375 6.56 -1.42 -0.99
CA ARG A 375 6.11 -2.14 -2.19
C ARG A 375 6.98 -1.79 -3.39
N SER A 376 6.71 -2.43 -4.52
CA SER A 376 7.53 -2.31 -5.72
C SER A 376 6.70 -2.36 -6.99
N ARG A 377 7.19 -1.70 -8.04
CA ARG A 377 6.57 -1.79 -9.35
C ARG A 377 6.80 -3.18 -9.95
N TYR A 378 8.05 -3.62 -9.93
CA TYR A 378 8.41 -4.96 -10.41
C TYR A 378 9.06 -5.79 -9.31
N TRP A 379 9.38 -7.03 -9.63
CA TRP A 379 10.28 -7.81 -8.80
C TRP A 379 11.41 -8.37 -9.66
N ALA A 380 12.45 -8.87 -9.00
CA ALA A 380 13.59 -9.46 -9.67
C ALA A 380 14.24 -10.47 -8.75
N ILE A 381 14.78 -11.55 -9.33
CA ILE A 381 15.45 -12.59 -8.57
C ILE A 381 16.70 -12.03 -7.91
N ARG A 382 16.90 -12.35 -6.62
CA ARG A 382 18.14 -12.02 -5.93
C ARG A 382 19.24 -13.00 -6.33
N THR A 383 20.39 -12.46 -6.72
CA THR A 383 21.48 -13.27 -7.27
C THR A 383 22.63 -13.51 -6.28
N ARG A 384 23.33 -14.62 -6.50
CA ARG A 384 24.57 -14.94 -5.78
C ARG A 384 25.77 -14.48 -6.60
N SER A 385 25.56 -14.29 -7.90
CA SER A 385 26.63 -13.98 -8.84
C SER A 385 27.18 -12.56 -8.69
N GLY A 386 28.47 -12.39 -8.96
CA GLY A 386 29.10 -11.08 -8.96
C GLY A 386 29.18 -10.47 -10.34
N GLY A 387 28.60 -11.16 -11.33
CA GLY A 387 28.66 -10.74 -12.73
C GLY A 387 29.79 -11.42 -13.49
N ASN A 388 29.96 -11.05 -14.75
CA ASN A 388 31.04 -11.59 -15.58
C ASN A 388 32.42 -11.16 -15.09
N THR A 389 33.33 -12.13 -15.04
CA THR A 389 34.70 -11.89 -14.56
C THR A 389 35.75 -12.44 -15.52
N ASN A 390 35.34 -13.34 -16.41
CA ASN A 390 36.26 -13.99 -17.33
C ASN A 390 35.61 -14.38 -18.64
N GLN A 391 35.97 -15.56 -19.15
CA GLN A 391 35.48 -16.10 -20.43
C GLN A 391 36.02 -15.34 -21.65
N GLN A 392 35.80 -14.03 -21.68
CA GLN A 392 36.29 -13.14 -22.75
C GLN A 392 36.10 -13.71 -24.16
N ARG A 393 34.96 -14.35 -24.38
CA ARG A 393 34.62 -14.88 -25.70
C ARG A 393 34.28 -13.71 -26.63
N ALA A 394 35.30 -13.27 -27.37
CA ALA A 394 35.22 -12.11 -28.26
C ALA A 394 34.95 -10.82 -27.49
N SER A 395 34.16 -9.93 -28.11
CA SER A 395 33.78 -8.66 -27.50
C SER A 395 32.48 -8.16 -28.11
N SER A 396 32.54 -7.82 -29.41
CA SER A 396 31.42 -7.27 -30.18
C SER A 396 30.94 -5.91 -29.66
N GLY A 397 31.37 -4.85 -30.34
CA GLY A 397 31.03 -3.48 -29.96
C GLY A 397 31.75 -2.47 -30.83
N GLN A 398 31.67 -1.19 -30.45
CA GLN A 398 32.31 -0.11 -31.18
C GLN A 398 32.94 0.90 -30.23
N ILE A 399 34.21 1.19 -30.43
CA ILE A 399 34.97 2.07 -29.51
C ILE A 399 35.57 3.30 -30.18
N SER A 400 35.25 3.51 -31.45
CA SER A 400 35.68 4.68 -32.20
C SER A 400 34.73 4.93 -33.37
N ILE A 401 34.88 6.08 -34.03
CA ILE A 401 34.14 6.37 -35.25
C ILE A 401 35.07 6.68 -36.42
N GLN A 402 34.59 6.41 -37.63
CA GLN A 402 35.27 6.84 -38.82
C GLN A 402 34.44 7.97 -39.43
N PRO A 403 35.06 9.15 -39.61
CA PRO A 403 34.35 10.29 -40.21
C PRO A 403 33.91 10.03 -41.64
N THR A 404 32.64 10.30 -41.93
CA THR A 404 32.08 10.21 -43.28
C THR A 404 31.90 11.60 -43.88
N PHE A 405 31.46 12.54 -43.05
CA PHE A 405 31.13 13.88 -43.49
C PHE A 405 32.20 14.90 -43.11
N SER A 406 32.44 15.85 -44.00
CA SER A 406 33.34 16.96 -43.75
C SER A 406 32.63 18.00 -42.90
N VAL A 407 32.57 17.75 -41.59
CA VAL A 407 31.89 18.62 -40.64
C VAL A 407 32.79 18.84 -39.42
N GLN A 408 32.82 20.07 -38.89
CA GLN A 408 33.60 20.36 -37.69
C GLN A 408 32.99 19.73 -36.44
N ARG A 409 33.81 18.92 -35.75
CA ARG A 409 33.45 18.31 -34.47
C ARG A 409 34.66 17.59 -33.85
N ASN A 410 34.51 17.19 -32.59
CA ASN A 410 35.45 16.26 -31.97
C ASN A 410 35.22 14.85 -32.53
N LEU A 411 36.25 14.00 -32.46
CA LEU A 411 36.13 12.63 -32.94
C LEU A 411 36.28 11.65 -31.79
N PRO A 412 35.15 11.22 -31.20
CA PRO A 412 35.15 10.39 -30.00
C PRO A 412 35.83 9.03 -30.18
N PHE A 413 36.47 8.58 -29.10
CA PHE A 413 37.01 7.23 -29.01
C PHE A 413 37.11 6.84 -27.54
N ASP A 414 37.06 5.53 -27.28
CA ASP A 414 37.20 5.02 -25.92
C ASP A 414 38.68 4.93 -25.56
N ARG A 415 39.21 5.99 -24.95
CA ARG A 415 40.64 6.07 -24.65
C ARG A 415 41.17 4.96 -23.75
N PRO A 416 40.58 4.78 -22.55
CA PRO A 416 41.13 3.75 -21.65
C PRO A 416 41.18 2.35 -22.26
N THR A 417 40.14 1.99 -23.02
CA THR A 417 40.05 0.68 -23.69
C THR A 417 41.11 0.49 -24.78
N ILE A 418 41.27 1.50 -25.64
CA ILE A 418 42.23 1.40 -26.75
C ILE A 418 43.68 1.35 -26.24
N MET A 419 43.99 2.19 -25.26
CA MET A 419 45.33 2.23 -24.66
C MET A 419 45.65 1.00 -23.81
N ALA A 420 44.59 0.32 -23.32
CA ALA A 420 44.74 -0.83 -22.41
C ALA A 420 45.62 -1.95 -22.96
N ALA A 421 45.57 -2.17 -24.28
CA ALA A 421 46.34 -3.23 -24.91
C ALA A 421 47.86 -2.94 -24.98
N PHE A 422 48.27 -1.81 -24.40
CA PHE A 422 49.69 -1.42 -24.40
C PHE A 422 50.20 -1.18 -22.97
N ASP A 432 53.49 -13.07 -10.25
CA ASP A 432 52.98 -13.98 -11.28
C ASP A 432 51.45 -14.02 -11.25
N MET A 433 50.88 -14.40 -10.11
CA MET A 433 49.43 -14.41 -9.96
C MET A 433 48.91 -13.01 -9.64
N ARG A 434 49.81 -12.14 -9.20
CA ARG A 434 49.48 -10.74 -8.91
C ARG A 434 49.27 -9.95 -10.21
N THR A 435 50.24 -10.06 -11.12
CA THR A 435 50.17 -9.36 -12.41
C THR A 435 49.10 -9.94 -13.34
N GLU A 436 48.81 -11.23 -13.17
CA GLU A 436 47.74 -11.89 -13.91
C GLU A 436 46.39 -11.28 -13.58
N ILE A 437 46.19 -10.94 -12.31
CA ILE A 437 44.99 -10.25 -11.85
C ILE A 437 44.93 -8.83 -12.42
N ILE A 438 46.05 -8.10 -12.32
CA ILE A 438 46.18 -6.76 -12.92
C ILE A 438 45.74 -6.76 -14.39
N ARG A 439 46.27 -7.69 -15.17
CA ARG A 439 45.98 -7.79 -16.60
C ARG A 439 44.50 -8.10 -16.86
N LEU A 440 43.91 -8.85 -15.94
CA LEU A 440 42.53 -9.27 -16.04
C LEU A 440 41.57 -8.11 -15.73
N MET A 441 41.90 -7.33 -14.70
CA MET A 441 41.05 -6.19 -14.33
C MET A 441 41.33 -4.94 -15.19
N GLU A 442 42.42 -4.97 -15.95
CA GLU A 442 42.74 -3.92 -16.92
C GLU A 442 41.92 -4.12 -18.19
N SER A 443 41.57 -5.38 -18.47
CA SER A 443 40.75 -5.75 -19.62
C SER A 443 39.27 -5.40 -19.44
N ALA A 444 38.82 -5.40 -18.19
CA ALA A 444 37.42 -5.15 -17.86
C ALA A 444 37.05 -3.68 -18.05
N ARG A 445 35.82 -3.45 -18.50
CA ARG A 445 35.31 -2.12 -18.76
C ARG A 445 34.04 -1.89 -17.96
N PRO A 446 33.81 -0.65 -17.48
CA PRO A 446 32.55 -0.30 -16.83
C PRO A 446 31.34 -0.57 -17.73
N GLU A 447 31.57 -0.59 -19.04
CA GLU A 447 30.53 -0.75 -20.05
C GLU A 447 30.07 -2.20 -20.22
N ASP A 448 30.87 -3.15 -19.74
CA ASP A 448 30.60 -4.57 -19.95
C ASP A 448 29.32 -5.01 -19.27
N VAL A 449 28.52 -5.80 -19.99
CA VAL A 449 27.18 -6.19 -19.55
C VAL A 449 27.16 -7.58 -18.89
N SER A 450 26.64 -7.65 -17.68
CA SER A 450 26.45 -8.92 -16.97
C SER A 450 24.97 -9.30 -16.94
N PHE A 451 24.72 -10.57 -16.60
CA PHE A 451 23.37 -11.13 -16.47
C PHE A 451 22.58 -11.08 -17.77
N GLN A 452 23.23 -11.45 -18.87
CA GLN A 452 22.63 -11.41 -20.21
C GLN A 452 21.32 -12.21 -20.33
N GLY A 453 20.28 -11.54 -20.82
CA GLY A 453 18.99 -12.19 -21.06
C GLY A 453 18.04 -12.17 -19.87
N ARG A 454 18.55 -11.73 -18.72
CA ARG A 454 17.78 -11.69 -17.50
C ARG A 454 17.19 -10.30 -17.25
N GLY A 455 16.00 -10.28 -16.66
CA GLY A 455 15.29 -9.03 -16.42
C GLY A 455 14.35 -9.07 -15.22
N VAL A 456 13.59 -7.99 -15.07
CA VAL A 456 12.62 -7.87 -13.97
C VAL A 456 11.29 -8.52 -14.38
N PHE A 457 10.39 -8.70 -13.41
CA PHE A 457 9.11 -9.35 -13.67
C PHE A 457 7.94 -8.60 -13.03
N GLU A 458 6.76 -8.71 -13.67
CA GLU A 458 5.51 -8.24 -13.09
C GLU A 458 5.20 -9.08 -11.84
N LEU A 459 4.48 -8.48 -10.90
CA LEU A 459 4.13 -9.16 -9.66
C LEU A 459 3.12 -10.31 -9.84
N SER A 460 2.50 -10.37 -11.01
CA SER A 460 1.57 -11.44 -11.34
C SER A 460 2.26 -12.57 -12.11
N ASP A 461 3.51 -12.34 -12.53
CA ASP A 461 4.33 -13.33 -13.21
C ASP A 461 5.10 -14.15 -12.18
N GLU A 462 4.37 -15.04 -11.51
CA GLU A 462 4.88 -15.82 -10.36
C GLU A 462 6.03 -16.75 -10.76
N LYS A 463 5.96 -17.29 -11.97
CA LYS A 463 6.90 -18.31 -12.42
C LYS A 463 8.06 -17.73 -13.22
N ALA A 464 8.13 -16.40 -13.27
CA ALA A 464 9.20 -15.67 -13.99
C ALA A 464 9.27 -16.05 -15.47
N THR A 465 8.12 -16.01 -16.13
CA THR A 465 7.97 -16.45 -17.51
C THR A 465 8.45 -15.41 -18.52
N SER A 466 8.24 -14.13 -18.19
CA SER A 466 8.44 -13.04 -19.15
C SER A 466 9.33 -11.92 -18.60
N PRO A 467 10.66 -12.03 -18.80
CA PRO A 467 11.59 -11.03 -18.29
C PRO A 467 11.55 -9.69 -19.03
N ILE A 468 11.46 -8.60 -18.27
CA ILE A 468 11.59 -7.26 -18.82
C ILE A 468 13.04 -6.80 -18.66
N VAL A 469 13.72 -6.59 -19.77
CA VAL A 469 15.08 -6.05 -19.78
C VAL A 469 15.01 -4.52 -19.87
N PRO A 470 15.55 -3.82 -18.83
CA PRO A 470 15.49 -2.36 -18.77
C PRO A 470 16.46 -1.64 -19.72
N SER A 471 16.01 -0.51 -20.25
CA SER A 471 16.84 0.35 -21.09
C SER A 471 17.34 1.54 -20.28
N PHE A 472 18.65 1.59 -20.07
CA PHE A 472 19.28 2.71 -19.37
C PHE A 472 19.89 3.70 -20.37
N GLY A 478 23.88 8.54 -11.18
CA GLY A 478 23.49 8.08 -9.86
C GLY A 478 23.46 6.57 -9.75
N SER A 479 24.62 5.98 -9.43
CA SER A 479 24.74 4.53 -9.25
C SER A 479 25.07 4.12 -7.81
N TYR A 480 25.91 4.90 -7.14
CA TYR A 480 26.40 4.56 -5.82
C TYR A 480 25.60 5.22 -4.70
N PHE A 481 25.05 4.39 -3.82
CA PHE A 481 24.29 4.85 -2.66
C PHE A 481 25.17 5.67 -1.70
N PHE A 482 26.40 5.21 -1.49
CA PHE A 482 27.35 5.91 -0.63
C PHE A 482 28.33 6.77 -1.42
N GLY A 483 27.84 7.33 -2.54
CA GLY A 483 28.67 8.17 -3.41
C GLY A 483 28.56 9.67 -3.15
N ASP A 484 27.46 10.09 -2.53
CA ASP A 484 27.17 11.50 -2.30
C ASP A 484 27.43 11.93 -0.85
N ASN A 485 28.66 12.36 -0.57
CA ASN A 485 29.05 12.82 0.76
C ASN A 485 29.85 14.13 0.71
N ALA A 486 30.27 14.60 1.89
CA ALA A 486 30.96 15.88 2.01
C ALA A 486 32.40 15.87 1.49
N GLU A 487 32.96 14.67 1.30
CA GLU A 487 34.35 14.53 0.84
C GLU A 487 34.43 14.18 -0.64
N GLU A 488 33.40 13.51 -1.16
CA GLU A 488 33.40 12.99 -2.52
C GLU A 488 32.04 13.13 -3.20
N TYR A 489 32.05 13.49 -4.48
CA TYR A 489 30.84 13.51 -5.30
C TYR A 489 30.89 12.39 -6.35
N ASP A 490 30.60 11.17 -5.93
CA ASP A 490 30.61 10.02 -6.82
C ASP A 490 29.20 9.71 -7.35
N ALA B 15 -18.00 19.42 16.12
CA ALA B 15 -18.24 19.00 17.52
C ALA B 15 -17.62 17.64 17.80
N THR B 16 -17.03 17.51 18.99
CA THR B 16 -16.47 16.25 19.45
C THR B 16 -17.59 15.22 19.65
N GLU B 17 -18.77 15.70 20.05
CA GLU B 17 -19.93 14.85 20.31
C GLU B 17 -20.51 14.20 19.05
N ILE B 18 -20.65 14.99 17.98
CA ILE B 18 -21.08 14.48 16.67
C ILE B 18 -20.05 13.48 16.15
N ARG B 19 -18.78 13.81 16.35
CA ARG B 19 -17.65 12.98 15.95
C ARG B 19 -17.62 11.67 16.74
N ALA B 20 -18.04 11.72 18.01
CA ALA B 20 -18.06 10.56 18.88
C ALA B 20 -19.22 9.60 18.57
N SER B 21 -20.39 10.17 18.28
CA SER B 21 -21.56 9.36 17.97
C SER B 21 -21.44 8.68 16.60
N VAL B 22 -20.77 9.35 15.66
CA VAL B 22 -20.44 8.75 14.37
C VAL B 22 -19.42 7.62 14.58
N GLY B 23 -18.44 7.87 15.44
CA GLY B 23 -17.46 6.85 15.84
C GLY B 23 -18.07 5.67 16.56
N LYS B 24 -19.15 5.92 17.30
CA LYS B 24 -19.92 4.88 17.99
C LYS B 24 -20.47 3.84 17.01
N MET B 25 -21.04 4.31 15.91
CA MET B 25 -21.68 3.40 14.97
C MET B 25 -20.67 2.59 14.15
N ILE B 26 -19.56 3.21 13.77
CA ILE B 26 -18.47 2.50 13.07
C ILE B 26 -17.85 1.38 13.92
N ASP B 27 -17.60 1.68 15.20
CA ASP B 27 -17.20 0.66 16.17
C ASP B 27 -18.19 -0.49 16.17
N GLY B 28 -19.49 -0.15 16.15
CA GLY B 28 -20.58 -1.12 16.09
C GLY B 28 -20.56 -2.00 14.86
N ILE B 29 -20.31 -1.40 13.69
CA ILE B 29 -20.12 -2.15 12.45
C ILE B 29 -18.90 -3.05 12.58
N GLY B 30 -17.79 -2.44 13.04
CA GLY B 30 -16.53 -3.15 13.26
C GLY B 30 -16.68 -4.40 14.11
N ARG B 31 -17.23 -4.22 15.32
CA ARG B 31 -17.44 -5.32 16.25
C ARG B 31 -18.30 -6.42 15.64
N PHE B 32 -19.39 -6.02 14.99
CA PHE B 32 -20.30 -6.95 14.34
C PHE B 32 -19.62 -7.80 13.27
N TYR B 33 -18.80 -7.15 12.45
CA TYR B 33 -18.11 -7.83 11.36
C TYR B 33 -17.08 -8.83 11.91
N ILE B 34 -16.41 -8.44 13.00
CA ILE B 34 -15.43 -9.30 13.66
C ILE B 34 -16.09 -10.59 14.14
N GLN B 35 -17.17 -10.45 14.92
CA GLN B 35 -17.88 -11.60 15.46
C GLN B 35 -18.43 -12.49 14.35
N MET B 36 -19.00 -11.84 13.33
CA MET B 36 -19.52 -12.51 12.15
C MET B 36 -18.43 -13.34 11.45
N CYS B 37 -17.22 -12.79 11.39
CA CYS B 37 -16.07 -13.49 10.81
C CYS B 37 -15.61 -14.70 11.62
N THR B 38 -15.69 -14.60 12.95
CA THR B 38 -15.30 -15.72 13.82
C THR B 38 -16.34 -16.86 13.80
N GLU B 39 -17.62 -16.50 13.63
CA GLU B 39 -18.70 -17.48 13.53
C GLU B 39 -18.61 -18.29 12.23
N LEU B 40 -18.18 -17.63 11.16
CA LEU B 40 -18.00 -18.27 9.85
C LEU B 40 -16.61 -18.91 9.74
N LYS B 41 -15.81 -18.73 10.78
CA LYS B 41 -14.44 -19.27 10.85
C LYS B 41 -13.59 -18.80 9.67
N LEU B 42 -13.81 -17.56 9.24
CA LEU B 42 -13.05 -16.96 8.15
C LEU B 42 -11.68 -16.50 8.62
N SER B 43 -10.69 -16.66 7.76
CA SER B 43 -9.37 -16.10 7.96
C SER B 43 -9.43 -14.58 7.89
N ASP B 44 -8.40 -13.92 8.41
CA ASP B 44 -8.30 -12.47 8.36
C ASP B 44 -8.21 -11.97 6.91
N TYR B 45 -7.47 -12.69 6.07
CA TYR B 45 -7.39 -12.37 4.64
C TYR B 45 -8.75 -12.55 3.96
N GLU B 46 -9.42 -13.66 4.27
CA GLU B 46 -10.74 -13.96 3.72
C GLU B 46 -11.80 -13.01 4.28
N GLY B 47 -11.60 -12.59 5.52
CA GLY B 47 -12.45 -11.58 6.14
C GLY B 47 -12.33 -10.24 5.44
N ARG B 48 -11.14 -9.97 4.89
CA ARG B 48 -10.88 -8.72 4.18
C ARG B 48 -11.16 -8.79 2.68
N LEU B 49 -11.68 -9.93 2.22
CA LEU B 49 -12.14 -10.05 0.83
C LEU B 49 -13.50 -9.35 0.72
N ILE B 50 -13.58 -8.38 -0.17
CA ILE B 50 -14.77 -7.53 -0.28
C ILE B 50 -16.06 -8.31 -0.63
N GLN B 51 -15.91 -9.41 -1.36
CA GLN B 51 -17.05 -10.27 -1.70
C GLN B 51 -17.71 -10.89 -0.46
N ASN B 52 -16.88 -11.31 0.50
CA ASN B 52 -17.36 -11.79 1.79
C ASN B 52 -18.03 -10.68 2.60
N SER B 53 -17.40 -9.50 2.60
CA SER B 53 -17.92 -8.35 3.30
C SER B 53 -19.33 -8.01 2.81
N LEU B 54 -19.50 -7.98 1.48
CA LEU B 54 -20.81 -7.71 0.87
C LEU B 54 -21.88 -8.71 1.32
N THR B 55 -21.56 -10.00 1.29
CA THR B 55 -22.48 -11.04 1.73
C THR B 55 -22.86 -10.88 3.20
N ILE B 56 -21.85 -10.65 4.04
CA ILE B 56 -22.05 -10.43 5.47
C ILE B 56 -22.91 -9.18 5.71
N GLU B 57 -22.58 -8.09 5.02
CA GLU B 57 -23.39 -6.86 5.06
C GLU B 57 -24.81 -7.13 4.61
N ARG B 58 -24.97 -7.98 3.60
CA ARG B 58 -26.27 -8.35 3.05
C ARG B 58 -27.09 -9.21 4.00
N MET B 59 -26.41 -9.99 4.84
CA MET B 59 -27.07 -10.86 5.81
C MET B 59 -27.78 -10.07 6.90
N VAL B 60 -27.11 -9.05 7.45
CA VAL B 60 -27.69 -8.17 8.49
C VAL B 60 -28.94 -7.46 7.99
N LEU B 61 -28.81 -6.81 6.84
CA LEU B 61 -29.90 -6.02 6.25
C LEU B 61 -31.12 -6.89 5.93
N SER B 62 -30.86 -8.11 5.49
CA SER B 62 -31.91 -9.10 5.25
C SER B 62 -32.63 -9.47 6.55
N ALA B 63 -31.86 -9.68 7.61
CA ALA B 63 -32.39 -10.04 8.92
C ALA B 63 -33.24 -8.95 9.58
N PHE B 64 -33.02 -7.71 9.16
CA PHE B 64 -33.79 -6.57 9.66
C PHE B 64 -34.80 -6.03 8.64
N ASP B 65 -34.88 -6.69 7.50
CA ASP B 65 -35.86 -6.36 6.47
C ASP B 65 -37.25 -6.74 6.97
N GLU B 66 -37.89 -5.81 7.67
CA GLU B 66 -39.20 -6.04 8.30
C GLU B 66 -40.28 -6.33 7.28
N ARG B 67 -40.27 -5.61 6.17
CA ARG B 67 -41.23 -5.81 5.09
C ARG B 67 -41.17 -7.26 4.57
N ARG B 68 -39.97 -7.74 4.28
CA ARG B 68 -39.76 -9.12 3.84
C ARG B 68 -40.09 -10.14 4.92
N ASN B 69 -39.61 -9.89 6.14
CA ASN B 69 -39.85 -10.78 7.28
C ASN B 69 -41.32 -10.96 7.63
N LYS B 70 -42.09 -9.87 7.55
CA LYS B 70 -43.54 -9.92 7.76
C LYS B 70 -44.23 -10.76 6.68
N TYR B 71 -43.81 -10.55 5.44
CA TYR B 71 -44.31 -11.32 4.29
C TYR B 71 -44.06 -12.82 4.44
N LEU B 72 -42.85 -13.17 4.86
CA LEU B 72 -42.44 -14.57 4.98
C LEU B 72 -43.17 -15.31 6.11
N GLU B 73 -43.62 -14.57 7.11
CA GLU B 73 -44.45 -15.12 8.17
C GLU B 73 -45.86 -15.39 7.65
N GLU B 74 -46.34 -14.49 6.79
CA GLU B 74 -47.67 -14.59 6.20
C GLU B 74 -47.75 -15.63 5.07
N HIS B 75 -46.62 -15.89 4.42
CA HIS B 75 -46.58 -16.84 3.32
C HIS B 75 -45.47 -17.90 3.54
N PRO B 76 -45.76 -18.92 4.38
CA PRO B 76 -44.78 -19.97 4.68
C PRO B 76 -44.47 -20.87 3.48
N ASP B 81 -37.19 -22.05 3.93
CA ASP B 81 -36.93 -21.65 5.33
C ASP B 81 -36.87 -20.12 5.50
N PRO B 82 -37.98 -19.53 5.99
CA PRO B 82 -38.07 -18.07 6.17
C PRO B 82 -37.23 -17.54 7.33
N LYS B 83 -36.89 -18.42 8.28
CA LYS B 83 -36.11 -18.04 9.45
C LYS B 83 -34.61 -17.87 9.13
N LYS B 84 -34.18 -18.40 7.99
CA LYS B 84 -32.77 -18.37 7.60
C LYS B 84 -32.48 -17.38 6.47
N THR B 85 -31.28 -16.80 6.50
CA THR B 85 -30.82 -15.91 5.46
C THR B 85 -29.42 -16.31 5.00
N GLY B 86 -29.09 -16.04 3.74
CA GLY B 86 -27.83 -16.49 3.18
C GLY B 86 -27.18 -15.62 2.13
N GLY B 87 -26.23 -16.22 1.42
CA GLY B 87 -25.44 -15.54 0.41
C GLY B 87 -24.13 -16.28 0.22
N PRO B 88 -23.41 -16.00 -0.89
CA PRO B 88 -22.14 -16.70 -1.15
C PRO B 88 -21.00 -16.26 -0.24
N ILE B 89 -20.27 -17.23 0.29
CA ILE B 89 -19.04 -16.98 1.04
C ILE B 89 -17.87 -17.70 0.39
N TYR B 90 -16.69 -17.09 0.47
CA TYR B 90 -15.54 -17.51 -0.31
C TYR B 90 -14.34 -17.85 0.57
N ARG B 91 -13.81 -19.06 0.40
CA ARG B 91 -12.62 -19.52 1.13
C ARG B 91 -11.55 -19.98 0.16
N ARG B 92 -10.30 -20.03 0.63
CA ARG B 92 -9.23 -20.59 -0.17
C ARG B 92 -8.90 -22.00 0.32
N VAL B 93 -9.35 -22.99 -0.43
CA VAL B 93 -9.15 -24.40 -0.10
C VAL B 93 -8.35 -25.08 -1.21
N ASP B 94 -7.27 -25.75 -0.83
CA ASP B 94 -6.39 -26.48 -1.77
C ASP B 94 -5.98 -25.64 -2.98
N GLY B 95 -5.30 -24.53 -2.71
CA GLY B 95 -4.80 -23.62 -3.76
C GLY B 95 -5.85 -22.97 -4.65
N LYS B 96 -7.12 -23.14 -4.28
CA LYS B 96 -8.22 -22.63 -5.09
C LYS B 96 -9.27 -21.88 -4.27
N TRP B 97 -9.91 -20.90 -4.90
CA TRP B 97 -11.05 -20.21 -4.30
C TRP B 97 -12.33 -21.01 -4.47
N ARG B 98 -12.95 -21.38 -3.35
CA ARG B 98 -14.22 -22.08 -3.35
C ARG B 98 -15.34 -21.11 -3.01
N ARG B 99 -16.46 -21.23 -3.71
CA ARG B 99 -17.69 -20.52 -3.33
C ARG B 99 -18.63 -21.48 -2.61
N GLU B 100 -19.30 -20.99 -1.57
CA GLU B 100 -20.29 -21.78 -0.86
C GLU B 100 -21.47 -20.95 -0.38
N LEU B 101 -22.66 -21.50 -0.52
CA LEU B 101 -23.87 -20.87 0.00
C LEU B 101 -24.05 -21.27 1.46
N ILE B 102 -24.00 -20.27 2.34
CA ILE B 102 -24.16 -20.47 3.78
C ILE B 102 -25.55 -19.99 4.18
N LEU B 103 -26.27 -20.81 4.94
CA LEU B 103 -27.54 -20.40 5.52
C LEU B 103 -27.41 -20.16 7.02
N TYR B 104 -27.86 -19.01 7.47
CA TYR B 104 -27.71 -18.60 8.86
C TYR B 104 -29.04 -18.08 9.39
N ASP B 105 -29.36 -18.46 10.62
CA ASP B 105 -30.58 -18.04 11.31
C ASP B 105 -30.61 -16.52 11.49
N LYS B 106 -31.75 -15.91 11.15
CA LYS B 106 -31.90 -14.45 11.20
C LYS B 106 -31.86 -13.88 12.62
N GLU B 107 -32.53 -14.57 13.55
CA GLU B 107 -32.59 -14.13 14.94
C GLU B 107 -31.19 -14.02 15.57
N GLU B 108 -30.33 -14.99 15.26
CA GLU B 108 -28.94 -14.97 15.72
C GLU B 108 -28.14 -13.83 15.10
N ILE B 109 -28.39 -13.52 13.83
CA ILE B 109 -27.76 -12.38 13.15
C ILE B 109 -28.11 -11.08 13.86
N ARG B 110 -29.40 -10.90 14.16
CA ARG B 110 -29.90 -9.74 14.89
C ARG B 110 -29.32 -9.68 16.31
N ARG B 111 -29.20 -10.84 16.93
CA ARG B 111 -28.59 -10.98 18.25
C ARG B 111 -27.14 -10.48 18.25
N ILE B 112 -26.37 -10.90 17.25
CA ILE B 112 -24.98 -10.49 17.09
C ILE B 112 -24.88 -8.98 16.83
N TRP B 113 -25.76 -8.47 15.97
CA TRP B 113 -25.81 -7.05 15.68
C TRP B 113 -26.06 -6.19 16.92
N ARG B 114 -27.08 -6.56 17.69
CA ARG B 114 -27.44 -5.84 18.92
C ARG B 114 -26.31 -5.88 19.94
N GLN B 115 -25.75 -7.06 20.16
CA GLN B 115 -24.63 -7.25 21.09
C GLN B 115 -23.41 -6.42 20.69
N ALA B 116 -23.16 -6.31 19.39
CA ALA B 116 -22.06 -5.51 18.86
C ALA B 116 -22.31 -4.00 18.97
N ASN B 117 -23.59 -3.61 18.95
CA ASN B 117 -23.98 -2.21 19.13
C ASN B 117 -24.48 -1.93 20.54
N ASN B 118 -24.04 -2.76 21.50
CA ASN B 118 -24.31 -2.57 22.93
C ASN B 118 -25.79 -2.61 23.33
N GLY B 119 -26.55 -3.50 22.69
CA GLY B 119 -27.95 -3.73 23.04
C GLY B 119 -28.96 -3.02 22.16
N ASP B 120 -28.52 -1.98 21.45
CA ASP B 120 -29.41 -1.20 20.59
C ASP B 120 -29.56 -1.83 19.20
N ASP B 121 -30.68 -1.52 18.55
CA ASP B 121 -30.94 -2.01 17.19
C ASP B 121 -30.37 -1.06 16.13
N ALA B 122 -29.54 -0.13 16.59
CA ALA B 122 -28.84 0.87 15.75
C ALA B 122 -29.14 0.81 14.25
N THR B 123 -30.18 1.53 13.83
CA THR B 123 -30.56 1.59 12.42
C THR B 123 -29.62 2.48 11.61
N ALA B 124 -28.95 3.41 12.29
CA ALA B 124 -27.97 4.29 11.66
C ALA B 124 -26.80 3.50 11.07
N GLY B 125 -26.36 2.49 11.80
CA GLY B 125 -25.28 1.60 11.34
C GLY B 125 -25.69 0.77 10.15
N LEU B 126 -26.92 0.26 10.17
CA LEU B 126 -27.48 -0.47 9.03
C LEU B 126 -27.61 0.44 7.81
N THR B 127 -28.17 1.63 8.02
CA THR B 127 -28.31 2.65 6.96
C THR B 127 -26.95 3.01 6.36
N HIS B 128 -25.91 3.04 7.20
CA HIS B 128 -24.55 3.34 6.76
C HIS B 128 -24.04 2.31 5.76
N MET B 129 -24.38 1.04 5.99
CA MET B 129 -24.00 -0.03 5.08
C MET B 129 -24.85 -0.03 3.82
N MET B 130 -26.05 0.56 3.91
CA MET B 130 -26.94 0.71 2.77
C MET B 130 -26.46 1.81 1.84
N ILE B 131 -25.95 2.90 2.42
CA ILE B 131 -25.39 4.01 1.63
C ILE B 131 -24.16 3.55 0.87
N TRP B 132 -23.33 2.73 1.52
CA TRP B 132 -22.17 2.11 0.88
C TRP B 132 -22.57 1.28 -0.35
N HIS B 133 -23.56 0.40 -0.19
CA HIS B 133 -24.04 -0.41 -1.31
C HIS B 133 -24.60 0.46 -2.43
N SER B 134 -25.31 1.53 -2.05
CA SER B 134 -25.84 2.50 -2.99
C SER B 134 -24.73 3.22 -3.77
N ASN B 135 -23.67 3.62 -3.06
CA ASN B 135 -22.51 4.26 -3.70
C ASN B 135 -21.79 3.30 -4.64
N LEU B 136 -21.83 2.00 -4.30
CA LEU B 136 -21.25 0.95 -5.14
C LEU B 136 -22.07 0.74 -6.41
N ASN B 137 -23.40 0.76 -6.27
CA ASN B 137 -24.29 0.57 -7.41
C ASN B 137 -24.20 1.69 -8.43
N ASP B 138 -24.11 2.92 -7.94
CA ASP B 138 -23.96 4.11 -8.79
C ASP B 138 -22.64 4.11 -9.56
N ALA B 139 -21.59 3.61 -8.92
CA ALA B 139 -20.28 3.49 -9.56
C ALA B 139 -20.24 2.36 -10.58
N THR B 140 -21.05 1.32 -10.37
CA THR B 140 -21.03 0.13 -11.22
C THR B 140 -22.00 0.22 -12.41
N TYR B 141 -23.23 0.63 -12.13
CA TYR B 141 -24.30 0.56 -13.12
C TYR B 141 -24.97 1.89 -13.44
N GLN B 142 -25.20 2.12 -14.74
CA GLN B 142 -26.03 3.22 -15.21
C GLN B 142 -27.48 2.71 -15.27
N ARG B 143 -28.40 3.46 -14.66
CA ARG B 143 -29.79 2.99 -14.51
C ARG B 143 -30.75 3.68 -15.49
N THR B 144 -30.46 3.54 -16.78
CA THR B 144 -31.28 4.13 -17.84
C THR B 144 -32.65 3.47 -17.98
N ARG B 145 -32.71 2.15 -17.78
CA ARG B 145 -33.95 1.38 -17.92
C ARG B 145 -35.02 1.83 -16.93
N ALA B 146 -34.61 2.17 -15.71
CA ALA B 146 -35.53 2.67 -14.70
C ALA B 146 -35.99 4.10 -14.99
N LEU B 147 -35.08 4.88 -15.59
CA LEU B 147 -35.37 6.28 -15.96
C LEU B 147 -36.45 6.41 -17.04
N VAL B 148 -36.34 5.62 -18.10
CA VAL B 148 -37.31 5.67 -19.22
C VAL B 148 -38.71 5.19 -18.81
N ARG B 149 -38.76 4.17 -17.94
CA ARG B 149 -40.01 3.58 -17.50
C ARG B 149 -40.84 4.53 -16.64
N THR B 150 -40.15 5.34 -15.84
CA THR B 150 -40.79 6.30 -14.94
C THR B 150 -41.33 7.49 -15.72
N GLY B 151 -40.61 7.88 -16.77
CA GLY B 151 -41.00 9.00 -17.62
C GLY B 151 -40.03 10.16 -17.59
N MET B 152 -38.74 9.84 -17.47
CA MET B 152 -37.67 10.85 -17.49
C MET B 152 -36.48 10.46 -18.38
N ASP B 153 -35.63 11.43 -18.68
CA ASP B 153 -34.51 11.27 -19.60
C ASP B 153 -33.41 10.35 -19.03
N PRO B 154 -32.96 9.36 -19.84
CA PRO B 154 -31.84 8.50 -19.45
C PRO B 154 -30.52 9.25 -19.22
N ARG B 155 -30.43 10.48 -19.76
CA ARG B 155 -29.25 11.33 -19.58
C ARG B 155 -29.23 12.02 -18.21
N MET B 156 -30.33 11.91 -17.46
CA MET B 156 -30.45 12.51 -16.14
C MET B 156 -29.79 11.65 -15.05
N CYS B 157 -28.83 10.82 -15.45
CA CYS B 157 -28.24 9.82 -14.56
C CYS B 157 -27.38 10.42 -13.45
N SER B 158 -26.85 11.63 -13.66
CA SER B 158 -26.02 12.31 -12.67
C SER B 158 -26.82 12.85 -11.48
N LEU B 159 -28.14 12.75 -11.58
CA LEU B 159 -29.05 13.17 -10.50
C LEU B 159 -29.63 11.96 -9.78
N MET B 160 -29.02 10.79 -9.98
CA MET B 160 -29.62 9.54 -9.52
C MET B 160 -28.88 8.86 -8.36
N GLN B 161 -28.12 9.63 -7.59
CA GLN B 161 -27.47 9.11 -6.39
C GLN B 161 -28.54 8.64 -5.40
N GLY B 162 -28.37 7.42 -4.90
CA GLY B 162 -29.27 6.85 -3.90
C GLY B 162 -30.60 6.32 -4.44
N SER B 163 -30.66 6.06 -5.74
CA SER B 163 -31.89 5.59 -6.36
C SER B 163 -32.17 4.11 -6.08
N THR B 164 -31.14 3.38 -5.65
CA THR B 164 -31.25 1.97 -5.30
C THR B 164 -31.58 1.78 -3.82
N LEU B 165 -31.63 2.88 -3.08
CA LEU B 165 -32.04 2.88 -1.68
C LEU B 165 -33.57 2.79 -1.58
N PRO B 166 -34.08 2.27 -0.44
CA PRO B 166 -35.53 2.25 -0.20
C PRO B 166 -36.12 3.64 0.03
N ARG B 167 -37.45 3.74 0.02
CA ARG B 167 -38.15 5.01 0.23
C ARG B 167 -38.00 5.53 1.67
N ARG B 168 -38.38 4.69 2.64
CA ARG B 168 -38.18 5.01 4.05
C ARG B 168 -36.82 4.47 4.48
N SER B 169 -35.78 5.27 4.21
CA SER B 169 -34.39 4.84 4.38
C SER B 169 -33.70 5.44 5.61
N GLY B 170 -34.29 6.50 6.17
CA GLY B 170 -33.72 7.16 7.34
C GLY B 170 -33.17 8.54 7.05
N ALA B 171 -32.62 9.18 8.08
CA ALA B 171 -32.14 10.56 7.99
C ALA B 171 -30.95 10.70 7.04
N ALA B 172 -29.91 9.90 7.25
CA ALA B 172 -28.70 9.95 6.42
C ALA B 172 -28.98 9.55 4.97
N GLY B 173 -29.85 8.56 4.80
CA GLY B 173 -30.27 8.09 3.48
C GLY B 173 -31.01 9.15 2.68
N ALA B 174 -31.79 9.97 3.37
CA ALA B 174 -32.50 11.08 2.75
C ALA B 174 -31.56 12.14 2.19
N ALA B 175 -30.51 12.46 2.95
CA ALA B 175 -29.54 13.48 2.55
C ALA B 175 -28.68 13.04 1.36
N VAL B 176 -28.43 11.73 1.29
CA VAL B 176 -27.58 11.16 0.24
C VAL B 176 -28.27 11.14 -1.12
N LYS B 177 -29.59 10.95 -1.12
CA LYS B 177 -30.39 10.88 -2.36
C LYS B 177 -30.28 12.14 -3.22
N GLY B 178 -30.17 11.94 -4.53
CA GLY B 178 -30.07 13.04 -5.49
C GLY B 178 -31.41 13.64 -5.85
N VAL B 179 -31.39 14.73 -6.61
CA VAL B 179 -32.59 15.43 -7.05
C VAL B 179 -33.50 14.53 -7.89
N GLY B 180 -32.91 13.89 -8.89
CA GLY B 180 -33.64 13.00 -9.79
C GLY B 180 -34.18 11.75 -9.10
N THR B 181 -33.46 11.28 -8.09
CA THR B 181 -33.92 10.19 -7.24
C THR B 181 -35.24 10.58 -6.57
N MET B 182 -35.28 11.79 -6.01
CA MET B 182 -36.48 12.32 -5.37
C MET B 182 -37.60 12.55 -6.39
N VAL B 183 -37.20 12.95 -7.59
CA VAL B 183 -38.14 13.16 -8.71
C VAL B 183 -38.78 11.84 -9.14
N MET B 184 -37.96 10.80 -9.28
CA MET B 184 -38.43 9.46 -9.65
C MET B 184 -39.42 8.90 -8.64
N GLU B 185 -39.07 9.01 -7.35
CA GLU B 185 -39.93 8.54 -6.26
C GLU B 185 -41.30 9.23 -6.25
N LEU B 186 -41.30 10.53 -6.53
CA LEU B 186 -42.53 11.33 -6.55
C LEU B 186 -43.40 11.03 -7.76
N ILE B 187 -42.78 10.91 -8.94
CA ILE B 187 -43.49 10.59 -10.18
C ILE B 187 -44.22 9.24 -10.08
N ARG B 188 -43.53 8.25 -9.51
CA ARG B 188 -44.10 6.91 -9.30
C ARG B 188 -45.35 6.96 -8.42
N MET B 189 -45.36 7.88 -7.45
CA MET B 189 -46.53 8.09 -6.58
C MET B 189 -47.67 8.80 -7.32
N ILE B 190 -47.32 9.84 -8.07
CA ILE B 190 -48.29 10.59 -8.87
C ILE B 190 -48.96 9.69 -9.90
N LYS B 191 -48.17 8.79 -10.50
CA LYS B 191 -48.67 7.82 -11.47
C LYS B 191 -49.56 6.76 -10.83
N ARG B 192 -49.34 6.49 -9.54
CA ARG B 192 -50.12 5.51 -8.79
C ARG B 192 -51.43 6.10 -8.29
N ARG B 207 -53.01 9.11 4.99
CA ARG B 207 -51.84 8.41 5.52
C ARG B 207 -50.63 8.53 4.60
N THR B 208 -50.82 8.17 3.33
CA THR B 208 -49.76 8.26 2.32
C THR B 208 -49.63 9.67 1.73
N ARG B 209 -50.58 10.54 2.07
CA ARG B 209 -50.51 11.95 1.69
C ARG B 209 -49.47 12.69 2.53
N ILE B 210 -49.32 12.25 3.78
CA ILE B 210 -48.31 12.81 4.69
C ILE B 210 -46.89 12.51 4.20
N ALA B 211 -46.69 11.30 3.66
CA ALA B 211 -45.42 10.90 3.07
C ALA B 211 -45.12 11.69 1.79
N TYR B 212 -46.15 12.01 1.03
CA TYR B 212 -46.04 12.82 -0.18
C TYR B 212 -45.55 14.24 0.17
N GLU B 213 -46.14 14.80 1.22
CA GLU B 213 -45.75 16.13 1.71
C GLU B 213 -44.36 16.13 2.36
N ARG B 214 -44.02 15.01 3.00
CA ARG B 214 -42.72 14.85 3.64
C ARG B 214 -41.59 14.77 2.62
N MET B 215 -41.83 14.00 1.55
CA MET B 215 -40.85 13.80 0.48
C MET B 215 -40.65 15.07 -0.36
N CYS B 216 -41.71 15.88 -0.46
CA CYS B 216 -41.65 17.17 -1.15
C CYS B 216 -40.73 18.15 -0.42
N ASN B 217 -40.81 18.15 0.91
CA ASN B 217 -39.95 18.98 1.75
C ASN B 217 -38.48 18.62 1.61
N ILE B 218 -38.20 17.32 1.48
CA ILE B 218 -36.85 16.82 1.23
C ILE B 218 -36.33 17.35 -0.10
N LEU B 219 -37.17 17.24 -1.14
CA LEU B 219 -36.84 17.75 -2.46
C LEU B 219 -36.62 19.26 -2.44
N LYS B 220 -37.53 19.98 -1.76
CA LYS B 220 -37.48 21.44 -1.66
C LYS B 220 -36.24 21.91 -0.90
N GLY B 221 -35.82 21.14 0.10
CA GLY B 221 -34.67 21.48 0.93
C GLY B 221 -33.33 21.29 0.22
N LYS B 222 -33.36 20.78 -1.00
CA LYS B 222 -32.15 20.51 -1.76
C LYS B 222 -31.92 21.51 -2.90
N PHE B 223 -33.00 22.11 -3.40
CA PHE B 223 -32.89 23.19 -4.37
C PHE B 223 -32.37 24.46 -3.72
N GLN B 224 -31.36 25.07 -4.34
CA GLN B 224 -30.69 26.24 -3.77
C GLN B 224 -31.34 27.58 -4.17
N THR B 225 -31.82 27.65 -5.41
CA THR B 225 -32.48 28.86 -5.90
C THR B 225 -33.92 28.94 -5.40
N ALA B 226 -34.38 30.16 -5.14
CA ALA B 226 -35.74 30.40 -4.66
C ALA B 226 -36.78 30.10 -5.74
N ALA B 227 -36.39 30.25 -7.00
CA ALA B 227 -37.26 29.99 -8.15
C ALA B 227 -37.60 28.51 -8.29
N GLN B 228 -36.62 27.64 -8.08
CA GLN B 228 -36.82 26.19 -8.10
C GLN B 228 -37.63 25.72 -6.89
N ARG B 229 -37.32 26.28 -5.72
CA ARG B 229 -37.96 25.91 -4.46
C ARG B 229 -39.45 26.27 -4.42
N THR B 230 -39.80 27.40 -5.05
CA THR B 230 -41.19 27.86 -5.08
C THR B 230 -42.05 26.99 -5.99
N MET B 231 -41.45 26.51 -7.07
CA MET B 231 -42.12 25.61 -8.02
C MET B 231 -42.49 24.28 -7.37
N VAL B 232 -41.65 23.83 -6.44
CA VAL B 232 -41.90 22.62 -5.65
C VAL B 232 -43.15 22.76 -4.79
N ASP B 233 -43.30 23.93 -4.17
CA ASP B 233 -44.46 24.21 -3.31
C ASP B 233 -45.80 24.14 -4.04
N GLN B 234 -45.80 24.55 -5.31
CA GLN B 234 -46.97 24.41 -6.17
C GLN B 234 -47.31 22.95 -6.40
N VAL B 235 -46.28 22.13 -6.64
CA VAL B 235 -46.43 20.69 -6.82
C VAL B 235 -46.70 19.95 -5.51
N ARG B 236 -46.41 20.61 -4.38
CA ARG B 236 -46.61 20.03 -3.05
C ARG B 236 -48.03 20.26 -2.53
N GLU B 237 -48.53 21.48 -2.69
CA GLU B 237 -49.87 21.85 -2.24
C GLU B 237 -50.92 21.58 -3.33
N SER B 238 -51.17 20.29 -3.57
CA SER B 238 -52.07 19.84 -4.63
C SER B 238 -52.70 18.50 -4.27
N ARG B 239 -53.97 18.32 -4.61
CA ARG B 239 -54.69 17.09 -4.33
C ARG B 239 -55.50 16.60 -5.54
N PRO B 241 -52.74 15.01 -8.31
CA PRO B 241 -51.67 15.40 -9.22
C PRO B 241 -51.71 14.62 -10.52
N GLY B 242 -51.62 15.32 -11.65
CA GLY B 242 -51.68 14.70 -12.97
C GLY B 242 -50.51 15.12 -13.85
N ASN B 243 -50.79 15.37 -15.12
CA ASN B 243 -49.78 15.79 -16.09
C ASN B 243 -49.00 17.03 -15.66
N ALA B 244 -49.72 18.09 -15.27
CA ALA B 244 -49.13 19.37 -14.90
C ALA B 244 -48.09 19.24 -13.77
N GLU B 245 -48.44 18.49 -12.73
CA GLU B 245 -47.54 18.22 -11.60
C GLU B 245 -46.37 17.33 -12.04
N PHE B 246 -46.68 16.32 -12.86
CA PHE B 246 -45.66 15.43 -13.42
C PHE B 246 -44.67 16.19 -14.31
N GLU B 247 -45.18 17.12 -15.12
CA GLU B 247 -44.35 17.93 -16.00
C GLU B 247 -43.49 18.92 -15.22
N ASP B 248 -44.01 19.41 -14.10
CA ASP B 248 -43.26 20.28 -13.20
C ASP B 248 -42.02 19.58 -12.65
N LEU B 249 -42.21 18.36 -12.15
CA LEU B 249 -41.11 17.54 -11.62
C LEU B 249 -40.10 17.17 -12.70
N ILE B 250 -40.58 16.91 -13.92
CA ILE B 250 -39.71 16.61 -15.06
C ILE B 250 -38.88 17.83 -15.47
N PHE B 251 -39.49 19.01 -15.39
CA PHE B 251 -38.81 20.27 -15.68
C PHE B 251 -37.81 20.61 -14.58
N LEU B 252 -38.24 20.46 -13.32
CA LEU B 252 -37.41 20.73 -12.15
C LEU B 252 -36.17 19.84 -12.09
N ALA B 253 -36.31 18.61 -12.60
CA ALA B 253 -35.20 17.68 -12.70
C ALA B 253 -34.22 18.11 -13.81
N ARG B 254 -34.77 18.57 -14.93
CA ARG B 254 -33.96 19.07 -16.04
C ARG B 254 -33.12 20.28 -15.62
N SER B 255 -33.71 21.16 -14.81
CA SER B 255 -33.03 22.35 -14.30
C SER B 255 -31.86 22.01 -13.38
N ALA B 256 -31.99 20.90 -12.66
CA ALA B 256 -30.96 20.45 -11.71
C ALA B 256 -29.65 20.02 -12.40
N LEU B 257 -29.67 19.95 -13.73
CA LEU B 257 -28.46 19.68 -14.50
C LEU B 257 -27.56 20.91 -14.58
N ILE B 258 -28.17 22.09 -14.45
CA ILE B 258 -27.44 23.36 -14.45
C ILE B 258 -27.50 24.00 -13.06
N LEU B 259 -28.73 24.24 -12.59
CA LEU B 259 -28.98 24.76 -11.25
C LEU B 259 -29.05 23.57 -10.29
N ARG B 260 -27.87 23.03 -9.96
CA ARG B 260 -27.76 21.79 -9.20
C ARG B 260 -28.31 21.87 -7.77
N GLY B 261 -28.65 20.71 -7.22
CA GLY B 261 -29.22 20.63 -5.87
C GLY B 261 -28.20 20.34 -4.78
N SER B 262 -28.66 20.44 -3.53
CA SER B 262 -27.84 20.16 -2.36
C SER B 262 -27.88 18.68 -2.00
N VAL B 263 -26.93 17.93 -2.56
CA VAL B 263 -26.84 16.49 -2.34
C VAL B 263 -25.65 16.19 -1.42
N ALA B 264 -25.92 15.51 -0.30
CA ALA B 264 -24.85 15.11 0.63
C ALA B 264 -24.04 13.95 0.08
N HIS B 265 -22.73 13.99 0.30
CA HIS B 265 -21.83 12.92 -0.12
C HIS B 265 -21.09 12.34 1.09
N LYS B 266 -21.30 11.05 1.33
CA LYS B 266 -20.69 10.38 2.48
C LYS B 266 -19.72 9.28 2.03
N SER B 267 -18.56 9.24 2.67
CA SER B 267 -17.63 8.13 2.48
C SER B 267 -18.01 6.96 3.39
N CYS B 268 -18.64 5.96 2.80
CA CYS B 268 -19.08 4.76 3.52
C CYS B 268 -18.33 3.57 2.98
N LEU B 269 -17.53 2.94 3.85
CA LEU B 269 -16.60 1.90 3.46
C LEU B 269 -17.15 0.49 3.72
N PRO B 270 -16.61 -0.53 3.04
CA PRO B 270 -17.02 -1.91 3.32
C PRO B 270 -16.80 -2.25 4.80
N ALA B 271 -17.72 -3.02 5.38
CA ALA B 271 -17.67 -3.38 6.79
C ALA B 271 -16.35 -4.04 7.23
N CYS B 272 -15.67 -4.70 6.28
CA CYS B 272 -14.38 -5.34 6.54
C CYS B 272 -13.30 -4.33 6.89
N VAL B 273 -13.40 -3.13 6.32
CA VAL B 273 -12.48 -2.04 6.61
C VAL B 273 -12.59 -1.63 8.07
N TYR B 274 -13.82 -1.45 8.54
CA TYR B 274 -14.08 -1.06 9.93
C TYR B 274 -13.75 -2.20 10.89
N GLY B 275 -14.15 -3.42 10.52
CA GLY B 275 -13.86 -4.61 11.30
C GLY B 275 -12.38 -4.79 11.57
N SER B 276 -11.58 -4.60 10.52
CA SER B 276 -10.12 -4.75 10.59
C SER B 276 -9.47 -3.69 11.47
N ALA B 277 -9.97 -2.46 11.38
CA ALA B 277 -9.43 -1.36 12.18
C ALA B 277 -9.75 -1.52 13.67
N VAL B 278 -10.99 -1.89 13.99
CA VAL B 278 -11.38 -2.22 15.36
C VAL B 278 -10.56 -3.40 15.88
N ALA B 279 -10.31 -4.38 15.03
CA ALA B 279 -9.52 -5.55 15.39
C ALA B 279 -8.05 -5.22 15.63
N SER B 280 -7.51 -4.26 14.88
CA SER B 280 -6.10 -3.91 14.98
C SER B 280 -5.79 -2.91 16.11
N GLY B 281 -6.82 -2.40 16.76
CA GLY B 281 -6.65 -1.55 17.93
C GLY B 281 -7.04 -0.08 17.76
N TYR B 282 -7.88 0.21 16.78
CA TYR B 282 -8.37 1.57 16.60
C TYR B 282 -9.72 1.73 17.29
N ASP B 283 -9.82 2.74 18.14
CA ASP B 283 -11.06 3.03 18.86
C ASP B 283 -11.73 4.25 18.23
N PHE B 284 -12.72 3.99 17.38
CA PHE B 284 -13.44 5.05 16.68
C PHE B 284 -14.26 5.93 17.63
N GLU B 285 -14.68 5.37 18.76
CA GLU B 285 -15.44 6.12 19.75
C GLU B 285 -14.56 7.18 20.44
N ARG B 286 -13.38 6.77 20.89
CA ARG B 286 -12.44 7.67 21.55
C ARG B 286 -11.77 8.64 20.59
N GLU B 287 -11.37 8.15 19.42
CA GLU B 287 -10.69 8.98 18.42
C GLU B 287 -11.67 9.88 17.67
N GLY B 288 -12.93 9.48 17.66
CA GLY B 288 -13.94 10.15 16.84
C GLY B 288 -13.85 9.67 15.40
N TYR B 289 -14.73 10.19 14.56
CA TYR B 289 -14.77 9.85 13.15
C TYR B 289 -15.75 10.76 12.41
N SER B 290 -15.49 10.98 11.12
CA SER B 290 -16.43 11.64 10.23
C SER B 290 -16.44 10.98 8.86
N LEU B 291 -17.52 11.23 8.11
CA LEU B 291 -17.70 10.64 6.79
C LEU B 291 -17.42 11.63 5.66
N VAL B 292 -17.22 12.89 6.02
CA VAL B 292 -16.93 13.97 5.06
C VAL B 292 -15.54 14.60 5.29
N GLY B 293 -14.89 14.22 6.38
CA GLY B 293 -13.57 14.74 6.72
C GLY B 293 -12.41 13.95 6.13
N ILE B 294 -11.28 14.00 6.82
CA ILE B 294 -10.08 13.27 6.41
C ILE B 294 -10.15 11.81 6.84
N ASP B 295 -10.91 11.55 7.91
CA ASP B 295 -10.95 10.23 8.56
C ASP B 295 -11.02 9.01 7.64
N PRO B 296 -11.95 8.99 6.66
CA PRO B 296 -12.03 7.82 5.78
C PRO B 296 -10.81 7.65 4.89
N PHE B 297 -10.23 8.75 4.44
CA PHE B 297 -9.00 8.73 3.64
C PHE B 297 -7.87 8.15 4.48
N ARG B 298 -7.72 8.65 5.71
CA ARG B 298 -6.74 8.16 6.67
C ARG B 298 -6.88 6.66 6.90
N LEU B 299 -8.13 6.22 7.08
CA LEU B 299 -8.43 4.81 7.33
C LEU B 299 -8.06 3.90 6.15
N LEU B 300 -8.37 4.34 4.94
CA LEU B 300 -8.03 3.58 3.73
C LEU B 300 -6.52 3.50 3.47
N GLN B 301 -5.78 4.52 3.91
CA GLN B 301 -4.31 4.53 3.85
C GLN B 301 -3.74 3.43 4.74
N ASN B 302 -4.52 3.04 5.75
CA ASN B 302 -4.12 2.03 6.73
C ASN B 302 -4.99 0.78 6.60
N SER B 303 -5.44 0.51 5.38
CA SER B 303 -6.30 -0.63 5.10
C SER B 303 -5.75 -1.46 3.94
N GLN B 304 -6.08 -2.75 3.96
CA GLN B 304 -5.76 -3.65 2.85
C GLN B 304 -6.97 -4.52 2.56
N VAL B 305 -7.77 -4.13 1.56
CA VAL B 305 -8.95 -4.86 1.14
C VAL B 305 -8.65 -5.66 -0.12
N TYR B 306 -9.24 -6.84 -0.23
CA TYR B 306 -9.02 -7.72 -1.37
C TYR B 306 -10.27 -7.86 -2.23
N SER B 307 -10.08 -8.32 -3.45
CA SER B 307 -11.19 -8.65 -4.33
C SER B 307 -10.84 -9.82 -5.22
N LEU B 308 -11.85 -10.60 -5.58
CA LEU B 308 -11.69 -11.65 -6.57
C LEU B 308 -11.69 -11.01 -7.94
N ILE B 309 -10.91 -11.58 -8.86
CA ILE B 309 -10.76 -11.00 -10.19
C ILE B 309 -10.91 -12.05 -11.29
N ARG B 310 -11.68 -11.69 -12.31
CA ARG B 310 -11.98 -12.57 -13.43
C ARG B 310 -10.79 -12.65 -14.38
N PRO B 311 -10.65 -13.76 -15.13
CA PRO B 311 -9.54 -14.03 -16.04
C PRO B 311 -8.97 -12.82 -16.77
N ASN B 312 -9.83 -12.00 -17.39
CA ASN B 312 -9.35 -10.89 -18.22
C ASN B 312 -9.69 -9.51 -17.67
N GLU B 313 -9.69 -9.37 -16.34
CA GLU B 313 -9.93 -8.09 -15.69
C GLU B 313 -8.64 -7.47 -15.18
N ASN B 314 -8.56 -6.14 -15.29
CA ASN B 314 -7.43 -5.37 -14.77
C ASN B 314 -7.69 -4.94 -13.33
N PRO B 315 -6.82 -5.38 -12.39
CA PRO B 315 -6.97 -5.03 -10.97
C PRO B 315 -6.98 -3.52 -10.69
N ALA B 316 -6.18 -2.77 -11.45
CA ALA B 316 -6.13 -1.31 -11.31
C ALA B 316 -7.48 -0.65 -11.63
N HIS B 317 -8.23 -1.25 -12.54
CA HIS B 317 -9.57 -0.77 -12.89
C HIS B 317 -10.64 -1.22 -11.90
N LYS B 318 -10.45 -2.40 -11.31
CA LYS B 318 -11.30 -2.88 -10.22
C LYS B 318 -11.13 -1.95 -9.03
N SER B 319 -9.88 -1.61 -8.74
CA SER B 319 -9.52 -0.70 -7.65
C SER B 319 -10.11 0.68 -7.84
N GLN B 320 -10.14 1.17 -9.09
CA GLN B 320 -10.70 2.48 -9.40
C GLN B 320 -12.19 2.51 -9.08
N LEU B 321 -12.89 1.44 -9.47
CA LEU B 321 -14.34 1.32 -9.26
C LEU B 321 -14.71 1.38 -7.77
N VAL B 322 -14.01 0.59 -6.96
CA VAL B 322 -14.26 0.52 -5.52
C VAL B 322 -13.89 1.84 -4.84
N TRP B 323 -12.78 2.44 -5.27
CA TRP B 323 -12.37 3.75 -4.77
C TRP B 323 -13.45 4.81 -4.99
N MET B 324 -14.00 4.85 -6.20
CA MET B 324 -15.06 5.80 -6.55
C MET B 324 -16.31 5.60 -5.71
N ALA B 325 -16.64 4.34 -5.44
CA ALA B 325 -17.77 3.98 -4.59
C ALA B 325 -17.52 4.42 -3.15
N CYS B 326 -16.32 4.14 -2.66
CA CYS B 326 -15.91 4.50 -1.29
C CYS B 326 -16.07 5.98 -0.97
N HIS B 327 -15.97 6.84 -1.98
CA HIS B 327 -16.05 8.28 -1.76
C HIS B 327 -17.24 8.97 -2.45
N SER B 328 -18.16 8.17 -3.02
CA SER B 328 -19.34 8.66 -3.75
C SER B 328 -19.00 9.52 -4.97
N ALA B 329 -17.96 9.12 -5.69
CA ALA B 329 -17.42 9.94 -6.78
C ALA B 329 -17.90 9.52 -8.18
N ALA B 330 -18.90 8.64 -8.24
CA ALA B 330 -19.43 8.14 -9.51
C ALA B 330 -19.82 9.27 -10.48
N PHE B 331 -20.56 10.25 -9.98
CA PHE B 331 -21.06 11.34 -10.82
C PHE B 331 -20.16 12.57 -10.82
N GLU B 332 -18.99 12.45 -10.19
CA GLU B 332 -18.00 13.53 -10.16
C GLU B 332 -17.25 13.70 -11.47
N ASP B 333 -16.70 14.90 -11.64
CA ASP B 333 -15.75 15.21 -12.69
C ASP B 333 -14.53 14.30 -12.55
N LEU B 334 -14.16 13.65 -13.66
CA LEU B 334 -13.05 12.69 -13.65
C LEU B 334 -11.69 13.33 -13.38
N ARG B 335 -11.56 14.61 -13.75
CA ARG B 335 -10.29 15.33 -13.59
C ARG B 335 -9.98 15.61 -12.12
N VAL B 336 -10.98 16.06 -11.35
CA VAL B 336 -10.80 16.31 -9.92
C VAL B 336 -10.60 15.01 -9.14
N SER B 337 -11.26 13.95 -9.57
CA SER B 337 -11.08 12.62 -8.98
C SER B 337 -9.68 12.08 -9.25
N SER B 338 -9.18 12.31 -10.46
CA SER B 338 -7.82 11.92 -10.84
C SER B 338 -6.76 12.71 -10.07
N PHE B 339 -7.02 14.01 -9.88
CA PHE B 339 -6.11 14.87 -9.14
C PHE B 339 -5.96 14.44 -7.68
N ILE B 340 -7.10 14.15 -7.05
CA ILE B 340 -7.13 13.65 -5.67
C ILE B 340 -6.46 12.27 -5.57
N ARG B 341 -6.82 11.39 -6.50
CA ARG B 341 -6.37 9.99 -6.47
C ARG B 341 -4.87 9.85 -6.75
N GLY B 342 -4.40 10.54 -7.79
CA GLY B 342 -3.01 10.46 -8.21
C GLY B 342 -2.85 9.82 -9.57
N THR B 343 -3.54 8.70 -9.77
CA THR B 343 -3.59 8.03 -11.06
C THR B 343 -4.87 8.42 -11.80
N LYS B 344 -4.92 8.13 -13.09
CA LYS B 344 -6.02 8.57 -13.94
C LYS B 344 -7.33 7.85 -13.63
N VAL B 345 -8.42 8.61 -13.54
CA VAL B 345 -9.75 8.04 -13.35
C VAL B 345 -10.47 7.95 -14.70
N VAL B 346 -10.32 6.78 -15.31
CA VAL B 346 -10.87 6.46 -16.63
C VAL B 346 -12.41 6.41 -16.53
N PRO B 347 -13.11 6.88 -17.58
CA PRO B 347 -14.57 6.71 -17.65
C PRO B 347 -14.99 5.24 -17.73
N ARG B 348 -16.25 4.96 -17.43
CA ARG B 348 -16.77 3.59 -17.31
C ARG B 348 -16.64 2.75 -18.58
N GLY B 349 -16.82 3.40 -19.74
CA GLY B 349 -16.80 2.72 -21.03
C GLY B 349 -15.44 2.16 -21.45
N LYS B 350 -14.38 2.72 -20.90
CA LYS B 350 -13.01 2.27 -21.18
C LYS B 350 -12.40 1.58 -19.96
N LEU B 351 -13.26 0.99 -19.13
CA LEU B 351 -12.82 0.34 -17.90
C LEU B 351 -12.85 -1.18 -18.07
N SER B 352 -11.68 -1.81 -17.94
CA SER B 352 -11.54 -3.24 -18.19
C SER B 352 -11.83 -4.09 -16.94
N THR B 353 -13.08 -4.04 -16.50
CA THR B 353 -13.57 -4.83 -15.37
C THR B 353 -15.09 -4.85 -15.40
N ARG B 354 -15.68 -5.82 -14.73
CA ARG B 354 -17.12 -5.86 -14.49
C ARG B 354 -17.37 -5.61 -13.01
N GLY B 355 -18.59 -5.90 -12.53
CA GLY B 355 -18.96 -5.67 -11.14
C GLY B 355 -18.12 -6.39 -10.11
N VAL B 356 -18.24 -5.97 -8.85
CA VAL B 356 -17.52 -6.57 -7.74
C VAL B 356 -18.11 -7.93 -7.37
N GLN B 357 -19.44 -8.00 -7.35
CA GLN B 357 -20.16 -9.25 -7.03
C GLN B 357 -19.93 -10.29 -8.12
N ILE B 358 -19.96 -11.55 -7.70
CA ILE B 358 -19.73 -12.66 -8.62
C ILE B 358 -20.96 -13.56 -8.67
N ALA B 359 -21.50 -13.74 -9.87
CA ALA B 359 -22.74 -14.46 -10.09
C ALA B 359 -22.59 -15.96 -9.80
N SER B 360 -23.72 -16.63 -9.58
CA SER B 360 -23.72 -18.06 -9.24
C SER B 360 -23.21 -18.96 -10.37
N ASN B 361 -23.25 -18.46 -11.60
CA ASN B 361 -22.89 -19.24 -12.77
C ASN B 361 -21.40 -19.12 -13.17
N GLU B 362 -20.67 -18.30 -12.44
CA GLU B 362 -19.27 -18.02 -12.77
C GLU B 362 -18.35 -19.12 -12.27
N ASN B 363 -17.35 -19.45 -13.08
CA ASN B 363 -16.40 -20.52 -12.76
C ASN B 363 -15.35 -20.05 -11.75
N MET B 364 -15.32 -20.69 -10.59
CA MET B 364 -14.39 -20.34 -9.51
C MET B 364 -12.97 -20.82 -9.76
N GLU B 365 -12.82 -21.81 -10.64
CA GLU B 365 -11.52 -22.41 -10.95
C GLU B 365 -10.55 -21.42 -11.60
N THR B 366 -11.10 -20.35 -12.18
CA THR B 366 -10.30 -19.34 -12.87
C THR B 366 -10.22 -18.03 -12.08
N MET B 367 -10.83 -18.02 -10.88
CA MET B 367 -10.83 -16.83 -10.02
C MET B 367 -9.52 -16.66 -9.26
N GLU B 368 -8.96 -15.46 -9.34
CA GLU B 368 -7.78 -15.09 -8.57
C GLU B 368 -8.13 -13.95 -7.61
N SER B 369 -7.40 -13.85 -6.51
CA SER B 369 -7.59 -12.74 -5.57
C SER B 369 -6.46 -11.71 -5.67
N SER B 370 -6.84 -10.44 -5.64
CA SER B 370 -5.89 -9.34 -5.77
C SER B 370 -6.19 -8.22 -4.78
N THR B 371 -5.13 -7.50 -4.40
CA THR B 371 -5.26 -6.34 -3.53
C THR B 371 -5.96 -5.22 -4.27
N LEU B 372 -6.86 -4.53 -3.57
CA LEU B 372 -7.51 -3.34 -4.09
C LEU B 372 -6.72 -2.12 -3.65
N GLU B 373 -6.21 -1.36 -4.62
CA GLU B 373 -5.51 -0.11 -4.33
C GLU B 373 -6.53 1.00 -4.11
N LEU B 374 -6.75 1.32 -2.84
CA LEU B 374 -7.80 2.27 -2.44
C LEU B 374 -7.22 3.57 -1.88
N ARG B 375 -5.90 3.70 -1.91
CA ARG B 375 -5.22 4.91 -1.41
C ARG B 375 -5.44 6.13 -2.32
N SER B 376 -4.98 7.29 -1.85
CA SER B 376 -5.11 8.55 -2.57
C SER B 376 -3.87 9.42 -2.33
N ARG B 377 -3.50 10.23 -3.32
CA ARG B 377 -2.40 11.17 -3.17
C ARG B 377 -2.81 12.36 -2.28
N TYR B 378 -4.01 12.88 -2.51
CA TYR B 378 -4.56 13.95 -1.69
C TYR B 378 -5.90 13.55 -1.05
N TRP B 379 -6.41 14.38 -0.16
CA TRP B 379 -7.79 14.24 0.32
C TRP B 379 -8.56 15.55 0.14
N ALA B 380 -9.89 15.45 0.15
CA ALA B 380 -10.76 16.61 0.01
C ALA B 380 -12.06 16.41 0.78
N ILE B 381 -12.59 17.52 1.30
CA ILE B 381 -13.87 17.52 2.00
C ILE B 381 -15.00 17.17 1.04
N ARG B 382 -15.95 16.39 1.52
CA ARG B 382 -17.15 16.09 0.74
C ARG B 382 -18.25 17.11 1.00
N THR B 383 -18.83 17.61 -0.09
CA THR B 383 -19.75 18.74 -0.03
C THR B 383 -21.22 18.34 -0.05
N ARG B 384 -22.04 19.15 0.60
CA ARG B 384 -23.49 19.04 0.52
C ARG B 384 -24.03 20.02 -0.53
N SER B 385 -23.14 20.88 -1.05
CA SER B 385 -23.53 21.92 -2.01
C SER B 385 -23.45 21.44 -3.45
N GLY B 386 -24.14 22.18 -4.33
CA GLY B 386 -24.13 21.91 -5.77
C GLY B 386 -23.36 22.97 -6.54
N GLY B 397 -14.51 41.46 -2.75
CA GLY B 397 -13.44 42.28 -3.31
C GLY B 397 -13.67 42.60 -4.78
N GLN B 398 -12.58 42.70 -5.54
CA GLN B 398 -12.61 43.03 -6.96
C GLN B 398 -13.42 42.00 -7.77
N ILE B 399 -14.28 42.50 -8.65
CA ILE B 399 -15.15 41.63 -9.45
C ILE B 399 -14.83 41.71 -10.95
N SER B 400 -14.34 42.86 -11.39
CA SER B 400 -13.93 43.07 -12.79
C SER B 400 -12.52 43.67 -12.88
N ILE B 401 -12.02 43.78 -14.11
CA ILE B 401 -10.67 44.30 -14.36
C ILE B 401 -10.71 45.49 -15.31
N GLN B 402 -9.95 46.53 -14.99
CA GLN B 402 -9.80 47.69 -15.87
C GLN B 402 -8.44 47.60 -16.56
N PRO B 403 -8.44 47.56 -17.91
CA PRO B 403 -7.21 47.44 -18.68
C PRO B 403 -6.29 48.67 -18.55
N THR B 404 -5.01 48.42 -18.37
CA THR B 404 -4.00 49.49 -18.33
C THR B 404 -3.11 49.40 -19.57
N PHE B 405 -2.74 48.18 -19.94
CA PHE B 405 -1.82 47.96 -21.06
C PHE B 405 -2.54 47.52 -22.34
N SER B 406 -1.95 47.88 -23.48
CA SER B 406 -2.51 47.56 -24.79
C SER B 406 -1.93 46.23 -25.29
N VAL B 407 -2.53 45.14 -24.82
CA VAL B 407 -2.09 43.77 -25.14
C VAL B 407 -3.28 42.91 -25.56
N GLN B 408 -3.03 41.89 -26.38
CA GLN B 408 -4.06 40.93 -26.78
C GLN B 408 -4.36 39.96 -25.65
N ARG B 409 -5.63 39.91 -25.26
CA ARG B 409 -6.09 39.16 -24.09
C ARG B 409 -7.60 39.22 -23.93
N ASN B 410 -8.13 38.30 -23.15
CA ASN B 410 -9.49 38.40 -22.65
C ASN B 410 -9.54 39.31 -21.44
N LEU B 411 -10.65 40.02 -21.27
CA LEU B 411 -10.84 40.88 -20.11
C LEU B 411 -11.85 40.24 -19.15
N PRO B 412 -11.35 39.50 -18.13
CA PRO B 412 -12.23 38.68 -17.29
C PRO B 412 -13.08 39.47 -16.29
N PHE B 413 -14.22 38.88 -15.94
CA PHE B 413 -15.13 39.40 -14.93
C PHE B 413 -15.98 38.25 -14.38
N ASP B 414 -16.22 38.26 -13.07
CA ASP B 414 -17.09 37.26 -12.46
C ASP B 414 -18.54 37.54 -12.85
N ARG B 415 -19.02 36.81 -13.85
CA ARG B 415 -20.32 37.04 -14.48
C ARG B 415 -21.54 36.80 -13.59
N PRO B 416 -21.60 35.64 -12.88
CA PRO B 416 -22.79 35.37 -12.05
C PRO B 416 -23.06 36.44 -10.98
N THR B 417 -22.01 36.92 -10.30
CA THR B 417 -22.15 37.93 -9.25
C THR B 417 -22.55 39.31 -9.79
N ILE B 418 -22.12 39.61 -11.00
CA ILE B 418 -22.43 40.90 -11.63
C ILE B 418 -23.81 40.89 -12.26
N MET B 419 -24.11 39.82 -12.99
CA MET B 419 -25.38 39.70 -13.74
C MET B 419 -26.60 39.53 -12.85
N ALA B 420 -26.49 38.66 -11.85
CA ALA B 420 -27.55 38.48 -10.88
C ALA B 420 -27.49 39.57 -9.81
N ALA B 421 -27.96 40.76 -10.18
CA ALA B 421 -27.96 41.92 -9.29
C ALA B 421 -29.18 42.81 -9.56
N ARG B 434 -41.25 29.30 -13.52
CA ARG B 434 -40.97 28.61 -14.77
C ARG B 434 -40.13 29.46 -15.73
N THR B 435 -40.52 30.72 -15.87
CA THR B 435 -39.84 31.67 -16.77
C THR B 435 -38.44 32.00 -16.26
N GLU B 436 -38.34 32.25 -14.95
CA GLU B 436 -37.07 32.56 -14.30
C GLU B 436 -36.09 31.38 -14.33
N ILE B 437 -36.65 30.17 -14.33
CA ILE B 437 -35.86 28.93 -14.41
C ILE B 437 -35.06 28.88 -15.72
N ILE B 438 -35.75 29.12 -16.84
CA ILE B 438 -35.12 29.15 -18.16
C ILE B 438 -34.16 30.34 -18.25
N ARG B 439 -34.54 31.45 -17.61
CA ARG B 439 -33.72 32.66 -17.54
C ARG B 439 -32.40 32.40 -16.81
N LEU B 440 -32.47 31.63 -15.72
CA LEU B 440 -31.29 31.27 -14.94
C LEU B 440 -30.40 30.25 -15.65
N MET B 441 -31.04 29.22 -16.23
CA MET B 441 -30.33 28.15 -16.93
C MET B 441 -29.53 28.63 -18.13
N GLU B 442 -30.04 29.65 -18.82
CA GLU B 442 -29.38 30.25 -19.98
C GLU B 442 -28.14 31.04 -19.59
N SER B 443 -28.20 31.69 -18.42
CA SER B 443 -27.12 32.54 -17.92
C SER B 443 -25.84 31.76 -17.62
N ALA B 444 -25.98 30.70 -16.82
CA ALA B 444 -24.84 29.90 -16.36
C ALA B 444 -24.05 29.27 -17.51
N ARG B 445 -22.74 29.22 -17.34
CA ARG B 445 -21.84 28.68 -18.35
C ARG B 445 -21.01 27.52 -17.79
N PRO B 446 -20.74 26.50 -18.61
CA PRO B 446 -19.92 25.34 -18.22
C PRO B 446 -18.55 25.70 -17.64
N GLU B 447 -18.08 26.92 -17.91
CA GLU B 447 -16.77 27.38 -17.43
C GLU B 447 -16.82 28.31 -16.20
N ASP B 448 -18.02 28.53 -15.66
CA ASP B 448 -18.19 29.24 -14.40
C ASP B 448 -17.50 28.45 -13.28
N VAL B 449 -16.74 29.13 -12.43
CA VAL B 449 -16.07 28.48 -11.31
C VAL B 449 -16.96 28.40 -10.07
N SER B 450 -16.86 27.27 -9.36
CA SER B 450 -17.58 27.07 -8.11
C SER B 450 -16.59 26.60 -7.04
N PHE B 451 -16.99 26.71 -5.77
CA PHE B 451 -16.11 26.43 -4.62
C PHE B 451 -14.81 27.23 -4.70
N GLN B 452 -14.92 28.55 -4.86
CA GLN B 452 -13.76 29.42 -5.05
C GLN B 452 -12.86 29.47 -3.81
N GLY B 453 -11.56 29.30 -4.05
CA GLY B 453 -10.56 29.29 -2.97
C GLY B 453 -10.33 27.94 -2.33
N ARG B 454 -11.30 27.03 -2.48
CA ARG B 454 -11.23 25.69 -1.91
C ARG B 454 -10.30 24.78 -2.71
N GLY B 455 -9.58 23.91 -2.00
CA GLY B 455 -8.65 22.98 -2.64
C GLY B 455 -8.50 21.66 -1.93
N VAL B 456 -7.63 20.81 -2.47
CA VAL B 456 -7.31 19.51 -1.88
C VAL B 456 -6.25 19.69 -0.78
N PHE B 457 -6.03 18.65 0.01
CA PHE B 457 -5.07 18.71 1.11
C PHE B 457 -4.13 17.51 1.10
N GLU B 458 -2.94 17.72 1.65
CA GLU B 458 -1.98 16.64 1.90
C GLU B 458 -2.52 15.75 3.01
N LEU B 459 -2.15 14.46 2.98
CA LEU B 459 -2.61 13.49 3.98
C LEU B 459 -2.18 13.85 5.40
N SER B 460 -0.99 14.44 5.50
CA SER B 460 -0.42 14.86 6.79
C SER B 460 -1.09 16.13 7.35
N ASP B 461 -1.85 16.83 6.51
CA ASP B 461 -2.55 18.05 6.92
C ASP B 461 -3.93 17.70 7.51
N GLU B 462 -3.93 17.35 8.81
CA GLU B 462 -5.12 16.87 9.51
C GLU B 462 -6.27 17.88 9.54
N LYS B 463 -5.95 19.15 9.71
CA LYS B 463 -6.94 20.24 9.64
C LYS B 463 -6.88 20.91 8.27
N ALA B 464 -7.94 21.62 7.92
CA ALA B 464 -8.01 22.31 6.63
C ALA B 464 -7.17 23.60 6.62
N THR B 465 -5.86 23.43 6.73
CA THR B 465 -4.93 24.56 6.88
C THR B 465 -4.50 25.14 5.53
N SER B 466 -3.77 24.35 4.75
CA SER B 466 -3.22 24.80 3.48
C SER B 466 -3.86 24.09 2.29
N PRO B 467 -4.87 24.72 1.66
CA PRO B 467 -5.55 24.16 0.49
C PRO B 467 -4.68 24.22 -0.76
N ILE B 468 -4.87 23.25 -1.65
CA ILE B 468 -4.13 23.19 -2.91
C ILE B 468 -5.12 23.24 -4.08
N VAL B 469 -5.18 24.39 -4.76
CA VAL B 469 -6.08 24.58 -5.89
C VAL B 469 -5.43 24.11 -7.20
N PRO B 470 -6.08 23.17 -7.90
CA PRO B 470 -5.53 22.59 -9.14
C PRO B 470 -5.82 23.44 -10.39
N SER B 471 -5.03 23.20 -11.44
CA SER B 471 -5.23 23.88 -12.72
C SER B 471 -5.72 22.88 -13.77
N PHE B 472 -6.71 23.30 -14.56
CA PHE B 472 -7.30 22.46 -15.60
C PHE B 472 -7.22 23.13 -16.98
N SER B 479 -14.55 14.19 -18.71
CA SER B 479 -14.94 14.53 -17.34
C SER B 479 -16.14 13.73 -16.82
N TYR B 480 -16.88 13.09 -17.73
CA TYR B 480 -18.04 12.28 -17.36
C TYR B 480 -17.67 10.81 -17.27
N PHE B 481 -18.02 10.17 -16.14
CA PHE B 481 -17.76 8.74 -15.94
C PHE B 481 -18.65 7.88 -16.83
N PHE B 482 -19.89 8.33 -17.03
CA PHE B 482 -20.83 7.65 -17.91
C PHE B 482 -21.00 8.39 -19.24
N GLY B 483 -19.88 8.74 -19.87
CA GLY B 483 -19.88 9.51 -21.11
C GLY B 483 -20.07 8.65 -22.36
N ASP B 484 -20.62 9.26 -23.40
CA ASP B 484 -20.87 8.57 -24.68
C ASP B 484 -19.59 8.13 -25.37
C1 LGH C . -3.25 -17.56 1.52
C2 LGH C . -2.68 -17.81 0.27
C3 LGH C . -4.30 -16.68 1.65
C4 LGH C . 0.84 -14.40 -1.30
C5 LGH C . 2.16 -14.83 -1.35
C6 LGH C . -3.17 -17.16 -0.85
C7 LGH C . 2.50 -13.92 0.86
C8 LGH C . -4.81 -16.02 0.52
C9 LGH C . -6.04 -13.82 0.13
C10 LGH C . 0.34 -13.73 -0.19
C11 LGH C . 2.99 -14.59 -0.26
C12 LGH C . -4.23 -16.26 -0.74
C13 LGH C . 1.19 -13.50 0.90
C14 LGH C . -5.90 -15.10 0.68
C15 LGH C . -7.24 -13.38 0.60
C16 LGH C . -5.16 -13.06 -0.77
C17 LGH C . -1.93 -14.03 0.70
C18 LGH C . -1.59 -12.89 -1.48
C19 LGH C . -3.29 -13.34 0.83
C20 LGH C . -2.87 -12.09 -1.25
C21 LGH C . -8.03 -12.15 0.42
C22 LGH C . -4.39 -16.26 -3.12
N23 LGH C . -6.95 -15.42 1.46
N24 LGH C . -1.01 -13.33 -0.20
N25 LGH C . -3.83 -12.84 -0.43
N26 LGH C . 4.34 -15.00 -0.25
O27 LGH C . 4.80 -15.61 -1.25
O28 LGH C . -5.70 -12.65 -1.80
O29 LGH C . 5.04 -14.73 0.77
O30 LGH C . -7.80 -14.33 1.40
O31 LGH C . -4.69 -15.64 -1.87
CL32 LGH C . 0.71 -12.66 2.34
C1 LGH D . -4.58 4.23 16.97
C2 LGH D . -4.62 5.58 16.63
C3 LGH D . -3.43 3.48 16.75
C4 LGH D . -5.50 6.81 11.69
C5 LGH D . -6.72 7.42 11.42
C6 LGH D . -3.49 6.19 16.07
C7 LGH D . -7.72 5.25 11.06
C8 LGH D . -2.30 4.09 16.18
C9 LGH D . -0.29 3.30 14.83
C10 LGH D . -5.38 5.42 11.65
C11 LGH D . -7.83 6.64 11.12
C12 LGH D . -2.34 5.44 15.85
C13 LGH D . -6.50 4.65 11.33
C14 LGH D . -1.12 3.30 15.97
C15 LGH D . 0.68 2.37 15.13
C16 LGH D . -0.36 4.09 13.59
C17 LGH D . -4.00 4.02 13.12
C18 LGH D . -2.94 5.66 11.57
C19 LGH D . -2.68 3.25 13.18
C20 LGH D . -1.68 4.80 11.55
C21 LGH D . 1.86 1.87 14.42
C22 LGH D . -1.26 7.48 15.23
N23 LGH D . -0.71 2.42 16.89
N24 LGH D . -4.12 4.87 11.93
N25 LGH D . -1.52 4.07 12.80
N26 LGH D . -9.07 7.25 10.85
O27 LGH D . -9.16 8.51 10.89
O28 LGH D . 0.64 4.74 13.32
O29 LGH D . -10.05 6.53 10.56
O30 LGH D . 0.44 1.85 16.36
O31 LGH D . -1.24 6.06 15.31
CL32 LGH D . -6.43 2.93 11.26
#